data_5AY3
# 
_entry.id   5AY3 
# 
_audit_conform.dict_name       mmcif_pdbx.dic 
_audit_conform.dict_version    5.387 
_audit_conform.dict_location   http://mmcif.pdb.org/dictionaries/ascii/mmcif_pdbx.dic 
# 
loop_
_database_2.database_id 
_database_2.database_code 
_database_2.pdbx_database_accession 
_database_2.pdbx_DOI 
PDB   5AY3         pdb_00005ay3 10.2210/pdb5ay3/pdb 
WWPDB D_1300000159 ?            ?                   
# 
loop_
_pdbx_audit_revision_history.ordinal 
_pdbx_audit_revision_history.data_content_type 
_pdbx_audit_revision_history.major_revision 
_pdbx_audit_revision_history.minor_revision 
_pdbx_audit_revision_history.revision_date 
1 'Structure model' 1 0 2015-10-21 
2 'Structure model' 1 1 2015-11-11 
3 'Structure model' 1 2 2017-10-11 
4 'Structure model' 1 3 2024-03-20 
# 
_pdbx_audit_revision_details.ordinal             1 
_pdbx_audit_revision_details.revision_ordinal    1 
_pdbx_audit_revision_details.data_content_type   'Structure model' 
_pdbx_audit_revision_details.provider            repository 
_pdbx_audit_revision_details.type                'Initial release' 
_pdbx_audit_revision_details.description         ? 
_pdbx_audit_revision_details.details             ? 
# 
loop_
_pdbx_audit_revision_group.ordinal 
_pdbx_audit_revision_group.revision_ordinal 
_pdbx_audit_revision_group.data_content_type 
_pdbx_audit_revision_group.group 
1 2 'Structure model' 'Database references'  
2 3 'Structure model' 'Data collection'      
3 3 'Structure model' 'Database references'  
4 3 'Structure model' 'Derived calculations' 
5 4 'Structure model' 'Data collection'      
6 4 'Structure model' 'Database references'  
# 
loop_
_pdbx_audit_revision_category.ordinal 
_pdbx_audit_revision_category.revision_ordinal 
_pdbx_audit_revision_category.data_content_type 
_pdbx_audit_revision_category.category 
1 3 'Structure model' citation              
2 3 'Structure model' diffrn_source         
3 3 'Structure model' pdbx_struct_oper_list 
4 3 'Structure model' reflns_shell          
5 4 'Structure model' chem_comp_atom        
6 4 'Structure model' chem_comp_bond        
7 4 'Structure model' database_2            
# 
loop_
_pdbx_audit_revision_item.ordinal 
_pdbx_audit_revision_item.revision_ordinal 
_pdbx_audit_revision_item.data_content_type 
_pdbx_audit_revision_item.item 
1 3 'Structure model' '_citation.journal_id_CSD'                  
2 3 'Structure model' '_diffrn_source.pdbx_synchrotron_site'      
3 3 'Structure model' '_pdbx_struct_oper_list.symmetry_operation' 
4 3 'Structure model' '_reflns_shell.percent_possible_all'        
5 4 'Structure model' '_database_2.pdbx_DOI'                      
6 4 'Structure model' '_database_2.pdbx_database_accession'       
# 
_pdbx_database_status.status_code                     REL 
_pdbx_database_status.status_code_sf                  REL 
_pdbx_database_status.status_code_mr                  ? 
_pdbx_database_status.entry_id                        5AY3 
_pdbx_database_status.recvd_initial_deposition_date   2015-08-06 
_pdbx_database_status.SG_entry                        N 
_pdbx_database_status.deposit_site                    PDBJ 
_pdbx_database_status.process_site                    PDBJ 
_pdbx_database_status.status_code_cs                  ? 
_pdbx_database_status.methods_development_category    ? 
_pdbx_database_status.pdb_format_compatible           Y 
_pdbx_database_status.status_code_nmr_data            ? 
# 
loop_
_audit_author.name 
_audit_author.pdbx_ordinal 
'Kondo, J.'     1 
'Tada, Y.'      2 
'Dairaku, T.'   3 
'Saneyoshi, H.' 4 
'Okamoto, I.'   5 
'Tanaka, Y.'    6 
'Ono, A.'       7 
# 
_citation.abstract                  ? 
_citation.abstract_id_CAS           ? 
_citation.book_id_ISBN              ? 
_citation.book_publisher            ? 
_citation.book_publisher_city       ? 
_citation.book_title                ? 
_citation.coordinate_linkage        ? 
_citation.country                   GE 
_citation.database_id_Medline       ? 
_citation.details                   ? 
_citation.id                        primary 
_citation.journal_abbrev            Angew.Chem.Int.Ed.Engl. 
_citation.journal_id_ASTM           ACIEAY 
_citation.journal_id_CSD            0179 
_citation.journal_id_ISSN           1521-3773 
_citation.journal_full              ? 
_citation.journal_issue             ? 
_citation.journal_volume            54 
_citation.language                  ? 
_citation.page_first                13323 
_citation.page_last                 13326 
_citation.title                     
'High-Resolution Crystal Structure of a Silver(I)-RNA Hybrid Duplex Containing Watson-Crick-like CSilver(I)C Metallo-Base Pairs' 
_citation.year                      2015 
_citation.database_id_CSD           ? 
_citation.pdbx_database_id_DOI      10.1002/anie.201507894 
_citation.pdbx_database_id_PubMed   26448329 
_citation.unpublished_flag          ? 
# 
loop_
_citation_author.citation_id 
_citation_author.name 
_citation_author.ordinal 
_citation_author.identifier_ORCID 
primary 'Kondo, J.'     1 ? 
primary 'Tada, Y.'      2 ? 
primary 'Dairaku, T.'   3 ? 
primary 'Saneyoshi, H.' 4 ? 
primary 'Okamoto, I.'   5 ? 
primary 'Tanaka, Y.'    6 ? 
primary 'Ono, A.'       7 ? 
# 
loop_
_entity.id 
_entity.type 
_entity.src_method 
_entity.pdbx_description 
_entity.formula_weight 
_entity.pdbx_number_of_molecules 
_entity.pdbx_ec 
_entity.pdbx_mutation 
_entity.pdbx_fragment 
_entity.details 
1 polymer syn 
;RNA (5'-R(*GP*GP*AP*CP*UP*(CBR)P*GP*A*CP*UP*CP*C)-3')
;
3850.208 2   ? ? ? ? 
2 water   nat water                                                   18.015   171 ? ? ? ? 
# 
_entity_poly.entity_id                      1 
_entity_poly.type                           polyribonucleotide 
_entity_poly.nstd_linkage                   no 
_entity_poly.nstd_monomer                   yes 
_entity_poly.pdbx_seq_one_letter_code       'GGACU(CBR)GACUCC' 
_entity_poly.pdbx_seq_one_letter_code_can   GGACUCGACUCC 
_entity_poly.pdbx_strand_id                 A,B 
_entity_poly.pdbx_target_identifier         ? 
# 
_pdbx_entity_nonpoly.entity_id   2 
_pdbx_entity_nonpoly.name        water 
_pdbx_entity_nonpoly.comp_id     HOH 
# 
loop_
_entity_poly_seq.entity_id 
_entity_poly_seq.num 
_entity_poly_seq.mon_id 
_entity_poly_seq.hetero 
1 1  G   n 
1 2  G   n 
1 3  A   n 
1 4  C   n 
1 5  U   n 
1 6  CBR n 
1 7  G   n 
1 8  A   n 
1 9  C   n 
1 10 U   n 
1 11 C   n 
1 12 C   n 
# 
_pdbx_entity_src_syn.entity_id              1 
_pdbx_entity_src_syn.pdbx_src_id            1 
_pdbx_entity_src_syn.pdbx_alt_source_flag   sample 
_pdbx_entity_src_syn.pdbx_beg_seq_num       1 
_pdbx_entity_src_syn.pdbx_end_seq_num       12 
_pdbx_entity_src_syn.organism_scientific    'synthetic construct' 
_pdbx_entity_src_syn.organism_common_name   ? 
_pdbx_entity_src_syn.ncbi_taxonomy_id       32630 
_pdbx_entity_src_syn.details                ? 
# 
loop_
_chem_comp.id 
_chem_comp.type 
_chem_comp.mon_nstd_flag 
_chem_comp.name 
_chem_comp.pdbx_synonyms 
_chem_comp.formula 
_chem_comp.formula_weight 
A   'RNA linking' y "ADENOSINE-5'-MONOPHOSPHATE"                 ? 'C10 H14 N5 O7 P'   347.221 
C   'RNA linking' y "CYTIDINE-5'-MONOPHOSPHATE"                  ? 'C9 H14 N3 O8 P'    323.197 
CBR 'DNA linking' n "5-BROMO-2'-DEOXY-CYTIDINE-5'-MONOPHOSPHATE" ? 'C9 H13 Br N3 O7 P' 386.093 
G   'RNA linking' y "GUANOSINE-5'-MONOPHOSPHATE"                 ? 'C10 H14 N5 O8 P'   363.221 
HOH non-polymer   . WATER                                        ? 'H2 O'              18.015  
U   'RNA linking' y "URIDINE-5'-MONOPHOSPHATE"                   ? 'C9 H13 N2 O9 P'    324.181 
# 
loop_
_pdbx_poly_seq_scheme.asym_id 
_pdbx_poly_seq_scheme.entity_id 
_pdbx_poly_seq_scheme.seq_id 
_pdbx_poly_seq_scheme.mon_id 
_pdbx_poly_seq_scheme.ndb_seq_num 
_pdbx_poly_seq_scheme.pdb_seq_num 
_pdbx_poly_seq_scheme.auth_seq_num 
_pdbx_poly_seq_scheme.pdb_mon_id 
_pdbx_poly_seq_scheme.auth_mon_id 
_pdbx_poly_seq_scheme.pdb_strand_id 
_pdbx_poly_seq_scheme.pdb_ins_code 
_pdbx_poly_seq_scheme.hetero 
A 1 1  G   1  1  1  G   G   A . n 
A 1 2  G   2  2  2  G   G   A . n 
A 1 3  A   3  3  3  A   A   A . n 
A 1 4  C   4  4  4  C   C   A . n 
A 1 5  U   5  5  5  U   U   A . n 
A 1 6  CBR 6  6  6  CBR CBR A . n 
A 1 7  G   7  7  7  G   G   A . n 
A 1 8  A   8  8  8  A   A   A . n 
A 1 9  C   9  9  9  C   C   A . n 
A 1 10 U   10 10 10 U   U   A . n 
A 1 11 C   11 11 11 C   C   A . n 
A 1 12 C   12 12 12 C   C   A . n 
B 1 1  G   1  1  1  G   G   B . n 
B 1 2  G   2  2  2  G   G   B . n 
B 1 3  A   3  3  3  A   A   B . n 
B 1 4  C   4  4  4  C   C   B . n 
B 1 5  U   5  5  5  U   U   B . n 
B 1 6  CBR 6  6  6  CBR CBR B . n 
B 1 7  G   7  7  7  G   G   B . n 
B 1 8  A   8  8  8  A   A   B . n 
B 1 9  C   9  9  9  C   C   B . n 
B 1 10 U   10 10 10 U   U   B . n 
B 1 11 C   11 11 11 C   C   B . n 
B 1 12 C   12 12 12 C   C   B . n 
# 
loop_
_pdbx_nonpoly_scheme.asym_id 
_pdbx_nonpoly_scheme.entity_id 
_pdbx_nonpoly_scheme.mon_id 
_pdbx_nonpoly_scheme.ndb_seq_num 
_pdbx_nonpoly_scheme.pdb_seq_num 
_pdbx_nonpoly_scheme.auth_seq_num 
_pdbx_nonpoly_scheme.pdb_mon_id 
_pdbx_nonpoly_scheme.auth_mon_id 
_pdbx_nonpoly_scheme.pdb_strand_id 
_pdbx_nonpoly_scheme.pdb_ins_code 
C 2 HOH 1  101 267 HOH HOH A . 
C 2 HOH 2  102 269 HOH HOH A . 
C 2 HOH 3  103 263 HOH HOH A . 
C 2 HOH 4  104 194 HOH HOH A . 
C 2 HOH 5  105 169 HOH HOH A . 
C 2 HOH 6  106 110 HOH HOH A . 
C 2 HOH 7  107 174 HOH HOH A . 
C 2 HOH 8  108 195 HOH HOH A . 
C 2 HOH 9  109 116 HOH HOH A . 
C 2 HOH 10 110 167 HOH HOH A . 
C 2 HOH 11 111 128 HOH HOH A . 
C 2 HOH 12 112 197 HOH HOH A . 
C 2 HOH 13 113 193 HOH HOH A . 
C 2 HOH 14 114 101 HOH HOH A . 
C 2 HOH 15 115 102 HOH HOH A . 
C 2 HOH 16 116 213 HOH HOH A . 
C 2 HOH 17 117 154 HOH HOH A . 
C 2 HOH 18 118 256 HOH HOH A . 
C 2 HOH 19 119 278 HOH HOH A . 
C 2 HOH 20 120 185 HOH HOH A . 
C 2 HOH 21 121 155 HOH HOH A . 
C 2 HOH 22 122 275 HOH HOH A . 
C 2 HOH 23 123 133 HOH HOH A . 
C 2 HOH 24 124 211 HOH HOH A . 
C 2 HOH 25 125 168 HOH HOH A . 
C 2 HOH 26 126 129 HOH HOH A . 
C 2 HOH 27 127 107 HOH HOH A . 
C 2 HOH 28 128 163 HOH HOH A . 
C 2 HOH 29 129 144 HOH HOH A . 
C 2 HOH 30 130 187 HOH HOH A . 
C 2 HOH 31 131 142 HOH HOH A . 
C 2 HOH 32 132 162 HOH HOH A . 
C 2 HOH 33 133 227 HOH HOH A . 
C 2 HOH 34 134 218 HOH HOH A . 
C 2 HOH 35 135 166 HOH HOH A . 
C 2 HOH 36 136 190 HOH HOH A . 
C 2 HOH 37 137 151 HOH HOH A . 
C 2 HOH 38 138 113 HOH HOH A . 
C 2 HOH 39 139 230 HOH HOH A . 
C 2 HOH 40 140 224 HOH HOH A . 
C 2 HOH 41 141 137 HOH HOH A . 
C 2 HOH 42 142 139 HOH HOH A . 
C 2 HOH 43 143 274 HOH HOH A . 
C 2 HOH 44 144 180 HOH HOH A . 
C 2 HOH 45 145 146 HOH HOH A . 
C 2 HOH 46 146 228 HOH HOH A . 
C 2 HOH 47 147 183 HOH HOH A . 
C 2 HOH 48 148 117 HOH HOH A . 
C 2 HOH 49 149 108 HOH HOH A . 
C 2 HOH 50 150 203 HOH HOH A . 
C 2 HOH 51 151 114 HOH HOH A . 
C 2 HOH 52 152 106 HOH HOH A . 
C 2 HOH 53 153 170 HOH HOH A . 
C 2 HOH 54 154 158 HOH HOH A . 
C 2 HOH 55 155 236 HOH HOH A . 
C 2 HOH 56 156 276 HOH HOH A . 
C 2 HOH 57 157 131 HOH HOH A . 
C 2 HOH 58 158 132 HOH HOH A . 
C 2 HOH 59 159 121 HOH HOH A . 
C 2 HOH 60 160 191 HOH HOH A . 
C 2 HOH 61 161 192 HOH HOH A . 
C 2 HOH 62 162 202 HOH HOH A . 
C 2 HOH 63 163 240 HOH HOH A . 
C 2 HOH 64 164 198 HOH HOH A . 
C 2 HOH 65 165 147 HOH HOH A . 
C 2 HOH 66 166 115 HOH HOH A . 
C 2 HOH 67 167 184 HOH HOH A . 
C 2 HOH 68 168 157 HOH HOH A . 
C 2 HOH 69 169 199 HOH HOH A . 
C 2 HOH 70 170 188 HOH HOH A . 
C 2 HOH 71 171 221 HOH HOH A . 
C 2 HOH 72 172 148 HOH HOH A . 
C 2 HOH 73 173 175 HOH HOH A . 
C 2 HOH 74 174 152 HOH HOH A . 
C 2 HOH 75 175 243 HOH HOH A . 
C 2 HOH 76 176 200 HOH HOH A . 
C 2 HOH 77 177 208 HOH HOH A . 
C 2 HOH 78 178 266 HOH HOH A . 
C 2 HOH 79 179 239 HOH HOH A . 
C 2 HOH 80 180 254 HOH HOH A . 
C 2 HOH 81 181 259 HOH HOH A . 
C 2 HOH 82 182 215 HOH HOH A . 
C 2 HOH 83 183 234 HOH HOH A . 
C 2 HOH 84 184 205 HOH HOH A . 
C 2 HOH 85 185 253 HOH HOH A . 
C 2 HOH 86 186 257 HOH HOH A . 
C 2 HOH 87 187 233 HOH HOH A . 
C 2 HOH 88 188 280 HOH HOH A . 
C 2 HOH 89 189 260 HOH HOH A . 
C 2 HOH 90 190 232 HOH HOH A . 
C 2 HOH 91 191 255 HOH HOH A . 
C 2 HOH 92 192 251 HOH HOH A . 
D 2 HOH 1  101 268 HOH HOH B . 
D 2 HOH 2  102 119 HOH HOH B . 
D 2 HOH 3  103 112 HOH HOH B . 
D 2 HOH 4  104 109 HOH HOH B . 
D 2 HOH 5  105 246 HOH HOH B . 
D 2 HOH 6  106 156 HOH HOH B . 
D 2 HOH 7  107 212 HOH HOH B . 
D 2 HOH 8  108 149 HOH HOH B . 
D 2 HOH 9  109 150 HOH HOH B . 
D 2 HOH 10 110 141 HOH HOH B . 
D 2 HOH 11 111 124 HOH HOH B . 
D 2 HOH 12 112 126 HOH HOH B . 
D 2 HOH 13 113 171 HOH HOH B . 
D 2 HOH 14 114 134 HOH HOH B . 
D 2 HOH 15 115 145 HOH HOH B . 
D 2 HOH 16 116 138 HOH HOH B . 
D 2 HOH 17 117 204 HOH HOH B . 
D 2 HOH 18 118 223 HOH HOH B . 
D 2 HOH 19 119 136 HOH HOH B . 
D 2 HOH 20 120 161 HOH HOH B . 
D 2 HOH 21 121 104 HOH HOH B . 
D 2 HOH 22 122 220 HOH HOH B . 
D 2 HOH 23 123 103 HOH HOH B . 
D 2 HOH 24 124 196 HOH HOH B . 
D 2 HOH 25 125 111 HOH HOH B . 
D 2 HOH 26 126 135 HOH HOH B . 
D 2 HOH 27 127 120 HOH HOH B . 
D 2 HOH 28 128 125 HOH HOH B . 
D 2 HOH 29 129 270 HOH HOH B . 
D 2 HOH 30 130 179 HOH HOH B . 
D 2 HOH 31 131 241 HOH HOH B . 
D 2 HOH 32 132 160 HOH HOH B . 
D 2 HOH 33 133 173 HOH HOH B . 
D 2 HOH 34 134 189 HOH HOH B . 
D 2 HOH 35 135 165 HOH HOH B . 
D 2 HOH 36 136 130 HOH HOH B . 
D 2 HOH 37 137 225 HOH HOH B . 
D 2 HOH 38 138 176 HOH HOH B . 
D 2 HOH 39 139 164 HOH HOH B . 
D 2 HOH 40 140 123 HOH HOH B . 
D 2 HOH 41 141 172 HOH HOH B . 
D 2 HOH 42 142 231 HOH HOH B . 
D 2 HOH 43 143 159 HOH HOH B . 
D 2 HOH 44 144 153 HOH HOH B . 
D 2 HOH 45 145 122 HOH HOH B . 
D 2 HOH 46 146 238 HOH HOH B . 
D 2 HOH 47 147 118 HOH HOH B . 
D 2 HOH 48 148 273 HOH HOH B . 
D 2 HOH 49 149 105 HOH HOH B . 
D 2 HOH 50 150 201 HOH HOH B . 
D 2 HOH 51 151 209 HOH HOH B . 
D 2 HOH 52 152 217 HOH HOH B . 
D 2 HOH 53 153 250 HOH HOH B . 
D 2 HOH 54 154 127 HOH HOH B . 
D 2 HOH 55 155 178 HOH HOH B . 
D 2 HOH 56 156 181 HOH HOH B . 
D 2 HOH 57 157 242 HOH HOH B . 
D 2 HOH 58 158 140 HOH HOH B . 
D 2 HOH 59 159 226 HOH HOH B . 
D 2 HOH 60 160 216 HOH HOH B . 
D 2 HOH 61 161 143 HOH HOH B . 
D 2 HOH 62 162 271 HOH HOH B . 
D 2 HOH 63 163 177 HOH HOH B . 
D 2 HOH 64 164 182 HOH HOH B . 
D 2 HOH 65 165 206 HOH HOH B . 
D 2 HOH 66 166 262 HOH HOH B . 
D 2 HOH 67 167 265 HOH HOH B . 
D 2 HOH 68 168 237 HOH HOH B . 
D 2 HOH 69 169 210 HOH HOH B . 
D 2 HOH 70 170 207 HOH HOH B . 
D 2 HOH 71 171 186 HOH HOH B . 
D 2 HOH 72 172 264 HOH HOH B . 
D 2 HOH 73 173 214 HOH HOH B . 
D 2 HOH 74 174 247 HOH HOH B . 
D 2 HOH 75 175 252 HOH HOH B . 
D 2 HOH 76 176 272 HOH HOH B . 
D 2 HOH 77 177 219 HOH HOH B . 
D 2 HOH 78 178 222 HOH HOH B . 
D 2 HOH 79 179 235 HOH HOH B . 
# 
loop_
_software.citation_id 
_software.classification 
_software.compiler_name 
_software.compiler_version 
_software.contact_author 
_software.contact_author_email 
_software.date 
_software.description 
_software.dependencies 
_software.hardware 
_software.language 
_software.location 
_software.mods 
_software.name 
_software.os 
_software.os_version 
_software.type 
_software.version 
_software.pdbx_ordinal 
? refinement        ? ? ? ? ? ? ? ? ? ? ? CNS         ? ? ? 1.3  1 
? 'data scaling'    ? ? ? ? ? ? ? ? ? ? ? XSCALE      ? ? ? .    2 
? phasing           ? ? ? ? ? ? ? ? ? ? ? PHENIX      ? ? ? .    3 
? 'data extraction' ? ? ? ? ? ? ? ? ? ? ? PDB_EXTRACT ? ? ? 3.15 4 
# 
_cell.entry_id           5AY3 
_cell.length_a           27.160 
_cell.length_b           44.460 
_cell.length_c           27.370 
_cell.angle_alpha        90.00 
_cell.angle_beta         109.43 
_cell.angle_gamma        90.00 
_cell.Z_PDB              4 
_cell.pdbx_unique_axis   ? 
# 
_symmetry.entry_id                         5AY3 
_symmetry.space_group_name_H-M             'P 1 21 1' 
_symmetry.pdbx_full_space_group_name_H-M   ? 
_symmetry.cell_setting                     ? 
_symmetry.Int_Tables_number                4 
# 
_exptl.absorpt_coefficient_mu     ? 
_exptl.absorpt_correction_T_max   ? 
_exptl.absorpt_correction_T_min   ? 
_exptl.absorpt_correction_type    ? 
_exptl.absorpt_process_details    ? 
_exptl.entry_id                   5AY3 
_exptl.crystals_number            1 
_exptl.details                    ? 
_exptl.method                     'X-RAY DIFFRACTION' 
_exptl.method_details             ? 
# 
_exptl_crystal.colour                      ? 
_exptl_crystal.density_diffrn              ? 
_exptl_crystal.density_Matthews            2.07 
_exptl_crystal.density_method              ? 
_exptl_crystal.density_percent_sol         40.47 
_exptl_crystal.description                 ? 
_exptl_crystal.F_000                       ? 
_exptl_crystal.id                          1 
_exptl_crystal.preparation                 ? 
_exptl_crystal.size_max                    ? 
_exptl_crystal.size_mid                    ? 
_exptl_crystal.size_min                    ? 
_exptl_crystal.size_rad                    ? 
_exptl_crystal.colour_lustre               ? 
_exptl_crystal.colour_modifier             ? 
_exptl_crystal.colour_primary              ? 
_exptl_crystal.density_meas                ? 
_exptl_crystal.density_meas_esd            ? 
_exptl_crystal.density_meas_gt             ? 
_exptl_crystal.density_meas_lt             ? 
_exptl_crystal.density_meas_temp           ? 
_exptl_crystal.density_meas_temp_esd       ? 
_exptl_crystal.density_meas_temp_gt        ? 
_exptl_crystal.density_meas_temp_lt        ? 
_exptl_crystal.pdbx_crystal_image_url      ? 
_exptl_crystal.pdbx_crystal_image_format   ? 
_exptl_crystal.pdbx_mosaicity              ? 
_exptl_crystal.pdbx_mosaicity_esd          ? 
# 
_exptl_crystal_grow.apparatus       ? 
_exptl_crystal_grow.atmosphere      ? 
_exptl_crystal_grow.crystal_id      1 
_exptl_crystal_grow.details         ? 
_exptl_crystal_grow.method          'VAPOR DIFFUSION, HANGING DROP' 
_exptl_crystal_grow.method_ref      ? 
_exptl_crystal_grow.pH              7.0 
_exptl_crystal_grow.pressure        ? 
_exptl_crystal_grow.pressure_esd    ? 
_exptl_crystal_grow.seeding         ? 
_exptl_crystal_grow.seeding_ref     ? 
_exptl_crystal_grow.temp            293 
_exptl_crystal_grow.temp_details    ? 
_exptl_crystal_grow.temp_esd        ? 
_exptl_crystal_grow.time            ? 
_exptl_crystal_grow.pdbx_details    'MPD, Spermine, Lithium Nitrate, MOPS' 
_exptl_crystal_grow.pdbx_pH_range   ? 
# 
_diffrn.ambient_environment    ? 
_diffrn.ambient_temp           100 
_diffrn.ambient_temp_details   ? 
_diffrn.ambient_temp_esd       ? 
_diffrn.crystal_id             1 
_diffrn.crystal_support        ? 
_diffrn.crystal_treatment      ? 
_diffrn.details                ? 
_diffrn.id                     1 
_diffrn.ambient_pressure       ? 
_diffrn.ambient_pressure_esd   ? 
_diffrn.ambient_pressure_gt    ? 
_diffrn.ambient_pressure_lt    ? 
_diffrn.ambient_temp_gt        ? 
_diffrn.ambient_temp_lt        ? 
# 
_diffrn_detector.details                      ? 
_diffrn_detector.detector                     PIXEL 
_diffrn_detector.diffrn_id                    1 
_diffrn_detector.type                         'DECTRIS PILATUS 6M' 
_diffrn_detector.area_resol_mean              ? 
_diffrn_detector.dtime                        ? 
_diffrn_detector.pdbx_frames_total            ? 
_diffrn_detector.pdbx_collection_time_total   ? 
_diffrn_detector.pdbx_collection_date         2014-11-25 
# 
_diffrn_radiation.collimation                      ? 
_diffrn_radiation.diffrn_id                        1 
_diffrn_radiation.filter_edge                      ? 
_diffrn_radiation.inhomogeneity                    ? 
_diffrn_radiation.monochromator                    ? 
_diffrn_radiation.polarisn_norm                    ? 
_diffrn_radiation.polarisn_ratio                   ? 
_diffrn_radiation.probe                            ? 
_diffrn_radiation.type                             ? 
_diffrn_radiation.xray_symbol                      ? 
_diffrn_radiation.wavelength_id                    1 
_diffrn_radiation.pdbx_monochromatic_or_laue_m_l   M 
_diffrn_radiation.pdbx_wavelength_list             ? 
_diffrn_radiation.pdbx_wavelength                  ? 
_diffrn_radiation.pdbx_diffrn_protocol             'SINGLE WAVELENGTH' 
_diffrn_radiation.pdbx_analyzer                    ? 
_diffrn_radiation.pdbx_scattering_type             x-ray 
# 
_diffrn_radiation_wavelength.id           1 
_diffrn_radiation_wavelength.wavelength   0.98 
_diffrn_radiation_wavelength.wt           1.0 
# 
_diffrn_source.current                     ? 
_diffrn_source.details                     ? 
_diffrn_source.diffrn_id                   1 
_diffrn_source.power                       ? 
_diffrn_source.size                        ? 
_diffrn_source.source                      SYNCHROTRON 
_diffrn_source.target                      ? 
_diffrn_source.type                        'PHOTON FACTORY BEAMLINE BL-17A' 
_diffrn_source.voltage                     ? 
_diffrn_source.take-off_angle              ? 
_diffrn_source.pdbx_wavelength_list        0.98 
_diffrn_source.pdbx_wavelength             ? 
_diffrn_source.pdbx_synchrotron_beamline   BL-17A 
_diffrn_source.pdbx_synchrotron_site       'Photon Factory' 
# 
_reflns.B_iso_Wilson_estimate            17.18 
_reflns.entry_id                         5AY3 
_reflns.data_reduction_details           ? 
_reflns.data_reduction_method            ? 
_reflns.d_resolution_high                1.200 
_reflns.d_resolution_low                 25.8 
_reflns.details                          ? 
_reflns.limit_h_max                      ? 
_reflns.limit_h_min                      ? 
_reflns.limit_k_max                      ? 
_reflns.limit_k_min                      ? 
_reflns.limit_l_max                      ? 
_reflns.limit_l_min                      ? 
_reflns.number_all                       ? 
_reflns.number_obs                       19127 
_reflns.observed_criterion               ? 
_reflns.observed_criterion_F_max         ? 
_reflns.observed_criterion_F_min         ? 
_reflns.observed_criterion_I_max         ? 
_reflns.observed_criterion_I_min         ? 
_reflns.observed_criterion_sigma_F       ? 
_reflns.observed_criterion_sigma_I       -3.000 
_reflns.percent_possible_obs             99.300 
_reflns.R_free_details                   ? 
_reflns.Rmerge_F_all                     ? 
_reflns.Rmerge_F_obs                     ? 
_reflns.Friedel_coverage                 ? 
_reflns.number_gt                        ? 
_reflns.threshold_expression             ? 
_reflns.pdbx_redundancy                  3.2 
_reflns.pdbx_Rmerge_I_obs                ? 
_reflns.pdbx_Rmerge_I_all                ? 
_reflns.pdbx_Rsym_value                  ? 
_reflns.pdbx_netI_over_av_sigmaI         ? 
_reflns.pdbx_netI_over_sigmaI            22.160 
_reflns.pdbx_res_netI_over_av_sigmaI_2   ? 
_reflns.pdbx_res_netI_over_sigmaI_2      ? 
_reflns.pdbx_chi_squared                 ? 
_reflns.pdbx_scaling_rejects             ? 
_reflns.pdbx_d_res_high_opt              ? 
_reflns.pdbx_d_res_low_opt               ? 
_reflns.pdbx_d_res_opt_method            ? 
_reflns.phase_calculation_details        ? 
_reflns.pdbx_Rrim_I_all                  ? 
_reflns.pdbx_Rpim_I_all                  ? 
_reflns.pdbx_d_opt                       ? 
_reflns.pdbx_number_measured_all         ? 
_reflns.pdbx_diffrn_id                   1 
_reflns.pdbx_ordinal                     1 
_reflns.pdbx_CC_half                     ? 
_reflns.pdbx_R_split                     ? 
# 
loop_
_reflns_shell.d_res_high 
_reflns_shell.d_res_low 
_reflns_shell.meanI_over_sigI_all 
_reflns_shell.meanI_over_sigI_obs 
_reflns_shell.number_measured_all 
_reflns_shell.number_measured_obs 
_reflns_shell.number_possible 
_reflns_shell.number_unique_all 
_reflns_shell.number_unique_obs 
_reflns_shell.percent_possible_all 
_reflns_shell.percent_possible_obs 
_reflns_shell.Rmerge_F_all 
_reflns_shell.Rmerge_F_obs 
_reflns_shell.Rmerge_I_all 
_reflns_shell.Rmerge_I_obs 
_reflns_shell.meanI_over_sigI_gt 
_reflns_shell.meanI_over_uI_all 
_reflns_shell.meanI_over_uI_gt 
_reflns_shell.number_measured_gt 
_reflns_shell.number_unique_gt 
_reflns_shell.percent_possible_gt 
_reflns_shell.Rmerge_F_gt 
_reflns_shell.Rmerge_I_gt 
_reflns_shell.pdbx_redundancy 
_reflns_shell.pdbx_Rsym_value 
_reflns_shell.pdbx_chi_squared 
_reflns_shell.pdbx_netI_over_sigmaI_all 
_reflns_shell.pdbx_netI_over_sigmaI_obs 
_reflns_shell.pdbx_Rrim_I_all 
_reflns_shell.pdbx_Rpim_I_all 
_reflns_shell.pdbx_rejects 
_reflns_shell.pdbx_ordinal 
_reflns_shell.pdbx_diffrn_id 
_reflns_shell.pdbx_CC_half 
_reflns_shell.pdbx_R_split 
1.200 1.230 ? 5.410  ? 4234 1427 ? 1405 98.500  ? ? 0.962 ? 0.188 ? ? ? ? ? ? ? ? 3.0 ? ? ? ? 0.227 ? 0 1  1 ? ? 
1.230 1.270 ? 6.600  ? 4274 1362 ? 1355 99.500  ? ? 0.975 ? 0.161 ? ? ? ? ? ? ? ? ?   ? ? ? ? 0.194 ? 0 2  1 ? ? 
1.270 1.300 ? 7.010  ? 4478 1384 ? 1374 99.300  ? ? 0.978 ? 0.152 ? ? ? ? ? ? ? ? ?   ? ? ? ? 0.182 ? 0 3  1 ? ? 
1.300 1.340 ? 8.380  ? 4231 1286 ? 1285 99.900  ? ? 0.981 ? 0.129 ? ? ? ? ? ? ? ? ?   ? ? ? ? 0.154 ? 0 4  1 ? ? 
1.340 1.390 ? 9.520  ? 3986 1256 ? 1248 99.400  ? ? 0.986 ? 0.110 ? ? ? ? ? ? ? ? ?   ? ? ? ? 0.133 ? 0 5  1 ? ? 
1.390 1.440 ? 11.930 ? 4074 1255 ? 1247 99.400  ? ? 0.991 ? 0.087 ? ? ? ? ? ? ? ? ?   ? ? ? ? 0.104 ? 0 6  1 ? ? 
1.440 1.490 ? 14.250 ? 3800 1172 ? 1165 99.400  ? ? 0.993 ? 0.072 ? ? ? ? ? ? ? ? ?   ? ? ? ? 0.086 ? 0 7  1 ? ? 
1.490 1.550 ? 17.340 ? 3641 1104 ? 1099 99.500  ? ? 0.995 ? 0.057 ? ? ? ? ? ? ? ? ?   ? ? ? ? 0.068 ? 0 8  1 ? ? 
1.550 1.620 ? 20.420 ? 3470 1088 ? 1090 100.000 ? ? 0.997 ? 0.048 ? ? ? ? ? ? ? ? ?   ? ? ? ? 0.057 ? 0 9  1 ? ? 
1.620 1.700 ? 26.160 ? 3595 1074 ? 1062 98.900  ? ? 0.999 ? 0.035 ? ? ? ? ? ? ? ? ?   ? ? ? ? 0.041 ? 0 10 1 ? ? 
1.700 1.790 ? 29.730 ? 3111 975  ? 973  99.800  ? ? 0.998 ? 0.032 ? ? ? ? ? ? ? ? ?   ? ? ? ? 0.039 ? 0 11 1 ? ? 
1.790 1.900 ? 32.570 ? 3244 953  ? 949  99.600  ? ? 0.998 ? 0.031 ? ? ? ? ? ? ? ? ?   ? ? ? ? 0.037 ? 0 12 1 ? ? 
1.900 2.030 ? 36.140 ? 2885 879  ? 875  99.500  ? ? 0.998 ? 0.027 ? ? ? ? ? ? ? ? ?   ? ? ? ? 0.033 ? 0 13 1 ? ? 
2.030 2.190 ? 38.850 ? 2723 825  ? 818  99.200  ? ? 0.999 ? 0.027 ? ? ? ? ? ? ? ? ?   ? ? ? ? 0.032 ? 0 14 1 ? ? 
2.190 2.400 ? 41.470 ? 2419 757  ? 748  98.800  ? ? 0.999 ? 0.025 ? ? ? ? ? ? ? ? ?   ? ? ? ? 0.030 ? 0 15 1 ? ? 
2.400 2.690 ? 45.330 ? 2310 698  ? 685  98.100  ? ? 0.999 ? 0.023 ? ? ? ? ? ? ? ? ?   ? ? ? ? 0.027 ? 0 16 1 ? ? 
2.690 3.100 ? 48.460 ? 1961 619  ? 611  98.700  ? ? 0.999 ? 0.020 ? ? ? ? ? ? ? ? ?   ? ? ? ? 0.025 ? 0 17 1 ? ? 
3.100 3.800 ? 52.410 ? 1683 510  ? 504  98.800  ? ? 0.999 ? 0.018 ? ? ? ? ? ? ? ? ?   ? ? ? ? 0.022 ? 0 18 1 ? ? 
3.800 5.370 ? 53.190 ? 1322 408  ? 404  99.000  ? ? 0.999 ? 0.019 ? ? ? ? ? ? ? ? ?   ? ? ? ? 0.022 ? 0 19 1 ? ? 
5.370 25.80 ? 50.640 ? 718  235  ? 230  97.900  ? ? 0.998 ? 0.020 ? ? ? ? ? ? ? ? ?   ? ? ? ? 0.024 ? 0 20 1 ? ? 
# 
_refine.entry_id                                 5AY3 
_refine.pdbx_refine_id                           'X-RAY DIFFRACTION' 
_refine.ls_d_res_high                            1.2000 
_refine.ls_d_res_low                             25.80 
_refine.pdbx_ls_sigma_F                          0.000 
_refine.pdbx_data_cutoff_high_absF               ? 
_refine.pdbx_data_cutoff_low_absF                ? 
_refine.ls_percent_reflns_obs                    99.2000 
_refine.ls_number_reflns_obs                     19127 
_refine.ls_number_reflns_all                     ? 
_refine.pdbx_ls_cross_valid_method               'FREE R-VALUE' 
_refine.ls_matrix_type                           ? 
_refine.pdbx_R_Free_selection_details            ? 
_refine.details                                  ? 
_refine.ls_R_factor_all                          ? 
_refine.ls_R_factor_obs                          ? 
_refine.ls_R_factor_R_work                       0.1841 
_refine.ls_wR_factor_R_work                      ? 
_refine.ls_R_factor_R_free                       0.1985 
_refine.ls_wR_factor_R_free                      ? 
_refine.ls_percent_reflns_R_free                 9.8000 
_refine.ls_number_reflns_R_free                  1891 
_refine.ls_number_reflns_R_work                  17236 
_refine.ls_R_factor_R_free_error                 ? 
_refine.B_iso_mean                               16.3542 
_refine.solvent_model_param_bsol                 43.3617 
_refine.solvent_model_param_ksol                 ? 
_refine.pdbx_isotropic_thermal_model             ? 
_refine.aniso_B[1][1]                            -0.4170 
_refine.aniso_B[2][2]                            -1.4150 
_refine.aniso_B[3][3]                            1.8330 
_refine.aniso_B[1][2]                            0.0000 
_refine.aniso_B[1][3]                            -2.1480 
_refine.aniso_B[2][3]                            0.0000 
_refine.correlation_coeff_Fo_to_Fc               ? 
_refine.correlation_coeff_Fo_to_Fc_free          ? 
_refine.overall_SU_R_Cruickshank_DPI             ? 
_refine.pdbx_overall_SU_R_free_Cruickshank_DPI   ? 
_refine.pdbx_overall_SU_R_Blow_DPI               ? 
_refine.pdbx_overall_SU_R_free_Blow_DPI          ? 
_refine.overall_SU_R_free                        ? 
_refine.pdbx_overall_ESU_R                       ? 
_refine.pdbx_overall_ESU_R_Free                  ? 
_refine.overall_SU_ML                            ? 
_refine.overall_SU_B                             ? 
_refine.solvent_model_details                    ? 
_refine.pdbx_solvent_vdw_probe_radii             ? 
_refine.pdbx_solvent_ion_probe_radii             ? 
_refine.pdbx_solvent_shrinkage_radii             ? 
_refine.ls_number_parameters                     ? 
_refine.ls_number_restraints                     ? 
_refine.pdbx_starting_model                      ? 
_refine.pdbx_method_to_determine_struct          SAD 
_refine.pdbx_stereochemistry_target_values       ? 
_refine.pdbx_stereochem_target_val_spec_case     ? 
_refine.overall_FOM_work_R_set                   ? 
_refine.B_iso_max                                60.770 
_refine.B_iso_min                                7.940 
_refine.pdbx_overall_phase_error                 ? 
_refine.occupancy_max                            ? 
_refine.occupancy_min                            ? 
_refine.pdbx_diffrn_id                           1 
_refine.pdbx_TLS_residual_ADP_flag               ? 
_refine.pdbx_ls_sigma_I                          ? 
_refine.pdbx_data_cutoff_high_rms_absF           ? 
_refine.ls_R_factor_R_free_error_details         ? 
# 
_refine_hist.pdbx_refine_id                   'X-RAY DIFFRACTION' 
_refine_hist.cycle_id                         LAST 
_refine_hist.pdbx_number_atoms_protein        0 
_refine_hist.pdbx_number_atoms_nucleic_acid   500 
_refine_hist.pdbx_number_atoms_ligand         40 
_refine_hist.number_atoms_solvent             171 
_refine_hist.number_atoms_total               711 
_refine_hist.d_res_high                       1.2000 
_refine_hist.d_res_low                        25.80 
# 
loop_
_refine_ls_restr.pdbx_refine_id 
_refine_ls_restr.type 
_refine_ls_restr.number 
_refine_ls_restr.dev_ideal 
_refine_ls_restr.dev_ideal_target 
_refine_ls_restr.weight 
_refine_ls_restr.pdbx_restraint_function 
'X-RAY DIFFRACTION' c_bond_d     ? 0.004 ?     ? ? 
'X-RAY DIFFRACTION' c_angle_d    ? 0.910 ?     ? ? 
'X-RAY DIFFRACTION' c_mcbond_it  ? 0.000 1.500 ? ? 
'X-RAY DIFFRACTION' c_scbond_it  ? 1.119 2.000 ? ? 
'X-RAY DIFFRACTION' c_mcangle_it ? 0.000 2.000 ? ? 
'X-RAY DIFFRACTION' c_scangle_it ? 1.546 2.500 ? ? 
# 
loop_
_refine_ls_shell.d_res_high 
_refine_ls_shell.d_res_low 
_refine_ls_shell.pdbx_total_number_of_bins_used 
_refine_ls_shell.percent_reflns_obs 
_refine_ls_shell.number_reflns_R_work 
_refine_ls_shell.R_factor_all 
_refine_ls_shell.R_factor_R_work 
_refine_ls_shell.R_factor_R_free 
_refine_ls_shell.percent_reflns_R_free 
_refine_ls_shell.number_reflns_R_free 
_refine_ls_shell.R_factor_R_free_error 
_refine_ls_shell.number_reflns_all 
_refine_ls_shell.number_reflns_obs 
_refine_ls_shell.pdbx_refine_id 
_refine_ls_shell.R_factor_obs 
1.2000 1.2400   10 96.3000 1682 . 0.2487 0.2729 . 190 . 1872 . 'X-RAY DIFFRACTION' . 
1.2400 1.2900   10 99.6000 1717 . 0.2488 0.2742 . 175 . 1892 . 'X-RAY DIFFRACTION' . 
1.2900 1.3500   10 99.7000 1733 . 0.2504 0.2779 . 179 . 1912 . 'X-RAY DIFFRACTION' . 
1.3500 1.4200   10 99.6000 1686 . 0.2286 0.2565 . 211 . 1897 . 'X-RAY DIFFRACTION' . 
1.4200 1.5100   10 99.5000 1714 . 0.2092 0.2168 . 213 . 1927 . 'X-RAY DIFFRACTION' . 
1.5100 1.6300   10 99.8000 1738 . 0.1892 0.2074 . 184 . 1922 . 'X-RAY DIFFRACTION' . 
1.6300 1.7900   10 99.7000 1749 . 0.1759 0.1991 . 156 . 1905 . 'X-RAY DIFFRACTION' . 
1.7900 2.0500   10 99.7000 1747 . 0.1768 0.1995 . 166 . 1913 . 'X-RAY DIFFRACTION' . 
2.0500 2.5900   10 99.0000 1703 . 0.1937 0.2061 . 225 . 1928 . 'X-RAY DIFFRACTION' . 
2.5900 100.0000 10 99.1000 1767 . 0.1559 0.1606 . 192 . 1959 . 'X-RAY DIFFRACTION' . 
# 
loop_
_pdbx_xplor_file.pdbx_refine_id 
_pdbx_xplor_file.serial_no 
_pdbx_xplor_file.param_file 
_pdbx_xplor_file.topol_file 
'X-RAY DIFFRACTION' 1 bru.param                  ? 
'X-RAY DIFFRACTION' 2 dna-rna_free.param         ? 
'X-RAY DIFFRACTION' 3 CNS_TOPPAR:water_rep.param ? 
'X-RAY DIFFRACTION' 4 CNS_TOPPAR:ion.param       ? 
# 
_struct.entry_id                     5AY3 
_struct.title                        'Crystal structure of RNA duplex containing C-C base pairs' 
_struct.pdbx_model_details           ? 
_struct.pdbx_formula_weight          ? 
_struct.pdbx_formula_weight_method   ? 
_struct.pdbx_model_type_details      ? 
_struct.pdbx_CASP_flag               ? 
# 
_struct_keywords.entry_id        5AY3 
_struct_keywords.text            'RNA, X-Ray analysis, metallo base pair, Ag(I)' 
_struct_keywords.pdbx_keywords   RNA 
# 
loop_
_struct_asym.id 
_struct_asym.pdbx_blank_PDB_chainid_flag 
_struct_asym.pdbx_modified 
_struct_asym.entity_id 
_struct_asym.details 
A N N 1 ? 
B N N 1 ? 
C N N 2 ? 
D N N 2 ? 
# 
_struct_ref.id                         1 
_struct_ref.db_name                    PDB 
_struct_ref.db_code                    5AY3 
_struct_ref.pdbx_db_accession          5AY3 
_struct_ref.pdbx_db_isoform            ? 
_struct_ref.entity_id                  1 
_struct_ref.pdbx_seq_one_letter_code   ? 
_struct_ref.pdbx_align_begin           1 
# 
loop_
_struct_ref_seq.align_id 
_struct_ref_seq.ref_id 
_struct_ref_seq.pdbx_PDB_id_code 
_struct_ref_seq.pdbx_strand_id 
_struct_ref_seq.seq_align_beg 
_struct_ref_seq.pdbx_seq_align_beg_ins_code 
_struct_ref_seq.seq_align_end 
_struct_ref_seq.pdbx_seq_align_end_ins_code 
_struct_ref_seq.pdbx_db_accession 
_struct_ref_seq.db_align_beg 
_struct_ref_seq.pdbx_db_align_beg_ins_code 
_struct_ref_seq.db_align_end 
_struct_ref_seq.pdbx_db_align_end_ins_code 
_struct_ref_seq.pdbx_auth_seq_align_beg 
_struct_ref_seq.pdbx_auth_seq_align_end 
1 1 5AY3 A 1 ? 12 ? 5AY3 1 ? 12 ? 1 12 
2 1 5AY3 B 1 ? 12 ? 5AY3 1 ? 12 ? 1 12 
# 
_pdbx_struct_assembly.id                   1 
_pdbx_struct_assembly.details              author_and_software_defined_assembly 
_pdbx_struct_assembly.method_details       PISA 
_pdbx_struct_assembly.oligomeric_details   dimeric 
_pdbx_struct_assembly.oligomeric_count     2 
# 
loop_
_pdbx_struct_assembly_prop.biol_id 
_pdbx_struct_assembly_prop.type 
_pdbx_struct_assembly_prop.value 
_pdbx_struct_assembly_prop.details 
1 'ABSA (A^2)' 2260 ? 
1 MORE         -0   ? 
1 'SSA (A^2)'  4250 ? 
# 
_pdbx_struct_assembly_gen.assembly_id       1 
_pdbx_struct_assembly_gen.oper_expression   1 
_pdbx_struct_assembly_gen.asym_id_list      A,B,C,D 
# 
_pdbx_struct_oper_list.id                   1 
_pdbx_struct_oper_list.type                 'identity operation' 
_pdbx_struct_oper_list.name                 1_555 
_pdbx_struct_oper_list.symmetry_operation   x,y,z 
_pdbx_struct_oper_list.matrix[1][1]         1.0000000000 
_pdbx_struct_oper_list.matrix[1][2]         0.0000000000 
_pdbx_struct_oper_list.matrix[1][3]         0.0000000000 
_pdbx_struct_oper_list.vector[1]            0.0000000000 
_pdbx_struct_oper_list.matrix[2][1]         0.0000000000 
_pdbx_struct_oper_list.matrix[2][2]         1.0000000000 
_pdbx_struct_oper_list.matrix[2][3]         0.0000000000 
_pdbx_struct_oper_list.vector[2]            0.0000000000 
_pdbx_struct_oper_list.matrix[3][1]         0.0000000000 
_pdbx_struct_oper_list.matrix[3][2]         0.0000000000 
_pdbx_struct_oper_list.matrix[3][3]         1.0000000000 
_pdbx_struct_oper_list.vector[3]            0.0000000000 
# 
loop_
_struct_conn.id 
_struct_conn.conn_type_id 
_struct_conn.pdbx_leaving_atom_flag 
_struct_conn.pdbx_PDB_id 
_struct_conn.ptnr1_label_asym_id 
_struct_conn.ptnr1_label_comp_id 
_struct_conn.ptnr1_label_seq_id 
_struct_conn.ptnr1_label_atom_id 
_struct_conn.pdbx_ptnr1_label_alt_id 
_struct_conn.pdbx_ptnr1_PDB_ins_code 
_struct_conn.pdbx_ptnr1_standard_comp_id 
_struct_conn.ptnr1_symmetry 
_struct_conn.ptnr2_label_asym_id 
_struct_conn.ptnr2_label_comp_id 
_struct_conn.ptnr2_label_seq_id 
_struct_conn.ptnr2_label_atom_id 
_struct_conn.pdbx_ptnr2_label_alt_id 
_struct_conn.pdbx_ptnr2_PDB_ins_code 
_struct_conn.ptnr1_auth_asym_id 
_struct_conn.ptnr1_auth_comp_id 
_struct_conn.ptnr1_auth_seq_id 
_struct_conn.ptnr2_auth_asym_id 
_struct_conn.ptnr2_auth_comp_id 
_struct_conn.ptnr2_auth_seq_id 
_struct_conn.ptnr2_symmetry 
_struct_conn.pdbx_ptnr3_label_atom_id 
_struct_conn.pdbx_ptnr3_label_seq_id 
_struct_conn.pdbx_ptnr3_label_comp_id 
_struct_conn.pdbx_ptnr3_label_asym_id 
_struct_conn.pdbx_ptnr3_label_alt_id 
_struct_conn.pdbx_ptnr3_PDB_ins_code 
_struct_conn.details 
_struct_conn.pdbx_dist_value 
_struct_conn.pdbx_value_order 
_struct_conn.pdbx_role 
covale1  covale both ? A U   5  "O3'" ? ? ? 1_555 A CBR 6  P  ? ? A U   5  A CBR 6  1_555 ? ? ? ? ? ? ?             1.608 ? ? 
covale2  covale both ? A CBR 6  "O3'" ? ? ? 1_555 A G   7  P  ? ? A CBR 6  A G   7  1_555 ? ? ? ? ? ? ?             1.604 ? ? 
covale3  covale both ? B U   5  "O3'" ? ? ? 1_555 B CBR 6  P  ? ? B U   5  B CBR 6  1_555 ? ? ? ? ? ? ?             1.606 ? ? 
covale4  covale both ? B CBR 6  "O3'" ? ? ? 1_555 B G   7  P  ? ? B CBR 6  B G   7  1_555 ? ? ? ? ? ? ?             1.602 ? ? 
hydrog1  hydrog ?    ? A G   1  N1    ? ? ? 1_555 B C   12 N3 ? ? A G   1  B C   12 1_555 ? ? ? ? ? ? WATSON-CRICK  ?     ? ? 
hydrog2  hydrog ?    ? A G   1  N2    ? ? ? 1_555 B C   12 O2 ? ? A G   1  B C   12 1_555 ? ? ? ? ? ? WATSON-CRICK  ?     ? ? 
hydrog3  hydrog ?    ? A G   1  O6    ? ? ? 1_555 B C   12 N4 ? ? A G   1  B C   12 1_555 ? ? ? ? ? ? WATSON-CRICK  ?     ? ? 
hydrog4  hydrog ?    ? A G   2  N1    ? ? ? 1_555 B C   11 N3 ? ? A G   2  B C   11 1_555 ? ? ? ? ? ? WATSON-CRICK  ?     ? ? 
hydrog5  hydrog ?    ? A G   2  N2    ? ? ? 1_555 B C   11 O2 ? ? A G   2  B C   11 1_555 ? ? ? ? ? ? WATSON-CRICK  ?     ? ? 
hydrog6  hydrog ?    ? A G   2  O6    ? ? ? 1_555 B C   11 N4 ? ? A G   2  B C   11 1_555 ? ? ? ? ? ? WATSON-CRICK  ?     ? ? 
hydrog7  hydrog ?    ? A A   3  N1    ? ? ? 1_555 B U   10 N3 ? ? A A   3  B U   10 1_555 ? ? ? ? ? ? WATSON-CRICK  ?     ? ? 
hydrog8  hydrog ?    ? A A   3  N6    ? ? ? 1_555 B U   10 O4 ? ? A A   3  B U   10 1_555 ? ? ? ? ? ? WATSON-CRICK  ?     ? ? 
hydrog9  hydrog ?    ? A C   4  N3    ? ? ? 1_555 B C   9  N4 ? ? A C   4  B C   9  1_555 ? ? ? ? ? ? 'C-C MISPAIR' ?     ? ? 
hydrog10 hydrog ?    ? A U   5  N3    ? ? ? 1_555 B A   8  N1 ? ? A U   5  B A   8  1_555 ? ? ? ? ? ? WATSON-CRICK  ?     ? ? 
hydrog11 hydrog ?    ? A U   5  O4    ? ? ? 1_555 B A   8  N6 ? ? A U   5  B A   8  1_555 ? ? ? ? ? ? WATSON-CRICK  ?     ? ? 
hydrog12 hydrog ?    ? A CBR 6  N3    ? ? ? 1_555 B G   7  N1 ? ? A CBR 6  B G   7  1_555 ? ? ? ? ? ? WATSON-CRICK  ?     ? ? 
hydrog13 hydrog ?    ? A CBR 6  N4    ? ? ? 1_555 B G   7  O6 ? ? A CBR 6  B G   7  1_555 ? ? ? ? ? ? WATSON-CRICK  ?     ? ? 
hydrog14 hydrog ?    ? A CBR 6  O2    ? ? ? 1_555 B G   7  N2 ? ? A CBR 6  B G   7  1_555 ? ? ? ? ? ? WATSON-CRICK  ?     ? ? 
hydrog15 hydrog ?    ? A G   7  N1    ? ? ? 1_555 B CBR 6  N3 ? ? A G   7  B CBR 6  1_555 ? ? ? ? ? ? WATSON-CRICK  ?     ? ? 
hydrog16 hydrog ?    ? A G   7  N2    ? ? ? 1_555 B CBR 6  O2 ? ? A G   7  B CBR 6  1_555 ? ? ? ? ? ? WATSON-CRICK  ?     ? ? 
hydrog17 hydrog ?    ? A G   7  O6    ? ? ? 1_555 B CBR 6  N4 ? ? A G   7  B CBR 6  1_555 ? ? ? ? ? ? WATSON-CRICK  ?     ? ? 
hydrog18 hydrog ?    ? A A   8  N1    ? ? ? 1_555 B U   5  N3 ? ? A A   8  B U   5  1_555 ? ? ? ? ? ? WATSON-CRICK  ?     ? ? 
hydrog19 hydrog ?    ? A A   8  N6    ? ? ? 1_555 B U   5  O4 ? ? A A   8  B U   5  1_555 ? ? ? ? ? ? WATSON-CRICK  ?     ? ? 
hydrog20 hydrog ?    ? A C   9  N3    B ? ? 1_555 B C   4  N4 B ? A C   9  B C   4  1_555 ? ? ? ? ? ? TYPE_14_PAIR  ?     ? ? 
hydrog21 hydrog ?    ? A C   9  N4    A ? ? 1_555 B C   4  N3 A ? A C   9  B C   4  1_555 ? ? ? ? ? ? TYPE_14_PAIR  ?     ? ? 
hydrog22 hydrog ?    ? A U   10 N3    ? ? ? 1_555 B A   3  N1 ? ? A U   10 B A   3  1_555 ? ? ? ? ? ? WATSON-CRICK  ?     ? ? 
hydrog23 hydrog ?    ? A U   10 O4    ? ? ? 1_555 B A   3  N6 ? ? A U   10 B A   3  1_555 ? ? ? ? ? ? WATSON-CRICK  ?     ? ? 
hydrog24 hydrog ?    ? A C   11 N3    ? ? ? 1_555 B G   2  N1 ? ? A C   11 B G   2  1_555 ? ? ? ? ? ? WATSON-CRICK  ?     ? ? 
hydrog25 hydrog ?    ? A C   11 N4    ? ? ? 1_555 B G   2  O6 ? ? A C   11 B G   2  1_555 ? ? ? ? ? ? WATSON-CRICK  ?     ? ? 
hydrog26 hydrog ?    ? A C   11 O2    ? ? ? 1_555 B G   2  N2 ? ? A C   11 B G   2  1_555 ? ? ? ? ? ? WATSON-CRICK  ?     ? ? 
hydrog27 hydrog ?    ? A C   12 N3    ? ? ? 1_555 B G   1  N1 ? ? A C   12 B G   1  1_555 ? ? ? ? ? ? WATSON-CRICK  ?     ? ? 
hydrog28 hydrog ?    ? A C   12 N4    ? ? ? 1_555 B G   1  O6 ? ? A C   12 B G   1  1_555 ? ? ? ? ? ? WATSON-CRICK  ?     ? ? 
hydrog29 hydrog ?    ? A C   12 O2    ? ? ? 1_555 B G   1  N2 ? ? A C   12 B G   1  1_555 ? ? ? ? ? ? WATSON-CRICK  ?     ? ? 
# 
loop_
_struct_conn_type.id 
_struct_conn_type.criteria 
_struct_conn_type.reference 
covale ? ? 
hydrog ? ? 
# 
loop_
_pdbx_validate_close_contact.id 
_pdbx_validate_close_contact.PDB_model_num 
_pdbx_validate_close_contact.auth_atom_id_1 
_pdbx_validate_close_contact.auth_asym_id_1 
_pdbx_validate_close_contact.auth_comp_id_1 
_pdbx_validate_close_contact.auth_seq_id_1 
_pdbx_validate_close_contact.PDB_ins_code_1 
_pdbx_validate_close_contact.label_alt_id_1 
_pdbx_validate_close_contact.auth_atom_id_2 
_pdbx_validate_close_contact.auth_asym_id_2 
_pdbx_validate_close_contact.auth_comp_id_2 
_pdbx_validate_close_contact.auth_seq_id_2 
_pdbx_validate_close_contact.PDB_ins_code_2 
_pdbx_validate_close_contact.label_alt_id_2 
_pdbx_validate_close_contact.dist 
1 1 O B HOH 129 ? ? O B HOH 156 ? ? 1.62 
2 1 O B HOH 157 ? ? O B HOH 172 ? ? 1.64 
3 1 O B HOH 113 ? ? O B HOH 144 ? ? 2.16 
# 
loop_
_pdbx_diffrn_reflns_shell.diffrn_id 
_pdbx_diffrn_reflns_shell.d_res_high 
_pdbx_diffrn_reflns_shell.d_res_low 
_pdbx_diffrn_reflns_shell.number_obs 
_pdbx_diffrn_reflns_shell.rejects 
_pdbx_diffrn_reflns_shell.Rmerge_I_obs 
_pdbx_diffrn_reflns_shell.Rsym_value 
_pdbx_diffrn_reflns_shell.chi_squared 
_pdbx_diffrn_reflns_shell.redundancy 
_pdbx_diffrn_reflns_shell.percent_possible_obs 
1 1.40 1.44 1794 ? 0.243 ? ? ? ? 
1 1.44 1.48 1655 ? 0.192 ? ? ? ? 
1 1.48 1.52 1694 ? 0.151 ? ? ? ? 
1 1.52 1.57 1594 ? 0.120 ? ? ? ? 
1 1.57 1.62 1573 ? 0.093 ? ? ? ? 
1 1.62 1.67 1544 ? 0.063 ? ? ? ? 
1 1.67 1.74 1430 ? 0.053 ? ? ? ? 
1 1.74 1.81 1457 ? 0.052 ? ? ? ? 
1 1.81 1.89 1300 ? 0.044 ? ? ? ? 
1 1.89 1.98 1322 ? 0.040 ? ? ? ? 
1 1.98 2.09 1264 ? 0.036 ? ? ? ? 
1 2.09 2.22 1117 ? 0.034 ? ? ? ? 
1 2.22 2.37 1092 ? 0.032 ? ? ? ? 
1 2.37 2.56 993  ? 0.030 ? ? ? ? 
1 2.56 2.80 927  ? 0.028 ? ? ? ? 
1 2.80 3.13 846  ? 0.022 ? ? ? ? 
1 3.13 3.62 723  ? 0.022 ? ? ? ? 
1 3.62 4.43 632  ? 0.020 ? ? ? ? 
1 4.43 6.27 501  ? 0.023 ? ? ? ? 
1 6.27 25.8 254  ? 0.021 ? ? ? ? 
# 
_phasing.method   SAD 
# 
loop_
_chem_comp_atom.comp_id 
_chem_comp_atom.atom_id 
_chem_comp_atom.type_symbol 
_chem_comp_atom.pdbx_aromatic_flag 
_chem_comp_atom.pdbx_stereo_config 
_chem_comp_atom.pdbx_ordinal 
A   OP3    O  N N 1   
A   P      P  N N 2   
A   OP1    O  N N 3   
A   OP2    O  N N 4   
A   "O5'"  O  N N 5   
A   "C5'"  C  N N 6   
A   "C4'"  C  N R 7   
A   "O4'"  O  N N 8   
A   "C3'"  C  N S 9   
A   "O3'"  O  N N 10  
A   "C2'"  C  N R 11  
A   "O2'"  O  N N 12  
A   "C1'"  C  N R 13  
A   N9     N  Y N 14  
A   C8     C  Y N 15  
A   N7     N  Y N 16  
A   C5     C  Y N 17  
A   C6     C  Y N 18  
A   N6     N  N N 19  
A   N1     N  Y N 20  
A   C2     C  Y N 21  
A   N3     N  Y N 22  
A   C4     C  Y N 23  
A   HOP3   H  N N 24  
A   HOP2   H  N N 25  
A   "H5'"  H  N N 26  
A   "H5''" H  N N 27  
A   "H4'"  H  N N 28  
A   "H3'"  H  N N 29  
A   "HO3'" H  N N 30  
A   "H2'"  H  N N 31  
A   "HO2'" H  N N 32  
A   "H1'"  H  N N 33  
A   H8     H  N N 34  
A   H61    H  N N 35  
A   H62    H  N N 36  
A   H2     H  N N 37  
C   OP3    O  N N 38  
C   P      P  N N 39  
C   OP1    O  N N 40  
C   OP2    O  N N 41  
C   "O5'"  O  N N 42  
C   "C5'"  C  N N 43  
C   "C4'"  C  N R 44  
C   "O4'"  O  N N 45  
C   "C3'"  C  N S 46  
C   "O3'"  O  N N 47  
C   "C2'"  C  N R 48  
C   "O2'"  O  N N 49  
C   "C1'"  C  N R 50  
C   N1     N  N N 51  
C   C2     C  N N 52  
C   O2     O  N N 53  
C   N3     N  N N 54  
C   C4     C  N N 55  
C   N4     N  N N 56  
C   C5     C  N N 57  
C   C6     C  N N 58  
C   HOP3   H  N N 59  
C   HOP2   H  N N 60  
C   "H5'"  H  N N 61  
C   "H5''" H  N N 62  
C   "H4'"  H  N N 63  
C   "H3'"  H  N N 64  
C   "HO3'" H  N N 65  
C   "H2'"  H  N N 66  
C   "HO2'" H  N N 67  
C   "H1'"  H  N N 68  
C   H41    H  N N 69  
C   H42    H  N N 70  
C   H5     H  N N 71  
C   H6     H  N N 72  
CBR BR     BR N N 73  
CBR P      P  N N 74  
CBR OP1    O  N N 75  
CBR OP2    O  N N 76  
CBR "O5'"  O  N N 77  
CBR N1     N  N N 78  
CBR C6     C  N N 79  
CBR C2     C  N N 80  
CBR O2     O  N N 81  
CBR N3     N  N N 82  
CBR C4     C  N N 83  
CBR N4     N  N N 84  
CBR C5     C  N N 85  
CBR "C2'"  C  N N 86  
CBR "C5'"  C  N N 87  
CBR "C4'"  C  N R 88  
CBR "O4'"  O  N N 89  
CBR "C1'"  C  N R 90  
CBR "C3'"  C  N S 91  
CBR "O3'"  O  N N 92  
CBR OP3    O  N N 93  
CBR HOP2   H  N N 94  
CBR H6     H  N N 95  
CBR H41    H  N N 96  
CBR H42    H  N N 97  
CBR "H2'"  H  N N 98  
CBR "H2''" H  N N 99  
CBR "H5'"  H  N N 100 
CBR "H5''" H  N N 101 
CBR "H4'"  H  N N 102 
CBR "H1'"  H  N N 103 
CBR "H3'"  H  N N 104 
CBR "HO3'" H  N N 105 
CBR HOP3   H  N N 106 
G   OP3    O  N N 107 
G   P      P  N N 108 
G   OP1    O  N N 109 
G   OP2    O  N N 110 
G   "O5'"  O  N N 111 
G   "C5'"  C  N N 112 
G   "C4'"  C  N R 113 
G   "O4'"  O  N N 114 
G   "C3'"  C  N S 115 
G   "O3'"  O  N N 116 
G   "C2'"  C  N R 117 
G   "O2'"  O  N N 118 
G   "C1'"  C  N R 119 
G   N9     N  Y N 120 
G   C8     C  Y N 121 
G   N7     N  Y N 122 
G   C5     C  Y N 123 
G   C6     C  N N 124 
G   O6     O  N N 125 
G   N1     N  N N 126 
G   C2     C  N N 127 
G   N2     N  N N 128 
G   N3     N  N N 129 
G   C4     C  Y N 130 
G   HOP3   H  N N 131 
G   HOP2   H  N N 132 
G   "H5'"  H  N N 133 
G   "H5''" H  N N 134 
G   "H4'"  H  N N 135 
G   "H3'"  H  N N 136 
G   "HO3'" H  N N 137 
G   "H2'"  H  N N 138 
G   "HO2'" H  N N 139 
G   "H1'"  H  N N 140 
G   H8     H  N N 141 
G   H1     H  N N 142 
G   H21    H  N N 143 
G   H22    H  N N 144 
HOH O      O  N N 145 
HOH H1     H  N N 146 
HOH H2     H  N N 147 
U   OP3    O  N N 148 
U   P      P  N N 149 
U   OP1    O  N N 150 
U   OP2    O  N N 151 
U   "O5'"  O  N N 152 
U   "C5'"  C  N N 153 
U   "C4'"  C  N R 154 
U   "O4'"  O  N N 155 
U   "C3'"  C  N S 156 
U   "O3'"  O  N N 157 
U   "C2'"  C  N R 158 
U   "O2'"  O  N N 159 
U   "C1'"  C  N R 160 
U   N1     N  N N 161 
U   C2     C  N N 162 
U   O2     O  N N 163 
U   N3     N  N N 164 
U   C4     C  N N 165 
U   O4     O  N N 166 
U   C5     C  N N 167 
U   C6     C  N N 168 
U   HOP3   H  N N 169 
U   HOP2   H  N N 170 
U   "H5'"  H  N N 171 
U   "H5''" H  N N 172 
U   "H4'"  H  N N 173 
U   "H3'"  H  N N 174 
U   "HO3'" H  N N 175 
U   "H2'"  H  N N 176 
U   "HO2'" H  N N 177 
U   "H1'"  H  N N 178 
U   H3     H  N N 179 
U   H5     H  N N 180 
U   H6     H  N N 181 
# 
loop_
_chem_comp_bond.comp_id 
_chem_comp_bond.atom_id_1 
_chem_comp_bond.atom_id_2 
_chem_comp_bond.value_order 
_chem_comp_bond.pdbx_aromatic_flag 
_chem_comp_bond.pdbx_stereo_config 
_chem_comp_bond.pdbx_ordinal 
A   OP3   P      sing N N 1   
A   OP3   HOP3   sing N N 2   
A   P     OP1    doub N N 3   
A   P     OP2    sing N N 4   
A   P     "O5'"  sing N N 5   
A   OP2   HOP2   sing N N 6   
A   "O5'" "C5'"  sing N N 7   
A   "C5'" "C4'"  sing N N 8   
A   "C5'" "H5'"  sing N N 9   
A   "C5'" "H5''" sing N N 10  
A   "C4'" "O4'"  sing N N 11  
A   "C4'" "C3'"  sing N N 12  
A   "C4'" "H4'"  sing N N 13  
A   "O4'" "C1'"  sing N N 14  
A   "C3'" "O3'"  sing N N 15  
A   "C3'" "C2'"  sing N N 16  
A   "C3'" "H3'"  sing N N 17  
A   "O3'" "HO3'" sing N N 18  
A   "C2'" "O2'"  sing N N 19  
A   "C2'" "C1'"  sing N N 20  
A   "C2'" "H2'"  sing N N 21  
A   "O2'" "HO2'" sing N N 22  
A   "C1'" N9     sing N N 23  
A   "C1'" "H1'"  sing N N 24  
A   N9    C8     sing Y N 25  
A   N9    C4     sing Y N 26  
A   C8    N7     doub Y N 27  
A   C8    H8     sing N N 28  
A   N7    C5     sing Y N 29  
A   C5    C6     sing Y N 30  
A   C5    C4     doub Y N 31  
A   C6    N6     sing N N 32  
A   C6    N1     doub Y N 33  
A   N6    H61    sing N N 34  
A   N6    H62    sing N N 35  
A   N1    C2     sing Y N 36  
A   C2    N3     doub Y N 37  
A   C2    H2     sing N N 38  
A   N3    C4     sing Y N 39  
C   OP3   P      sing N N 40  
C   OP3   HOP3   sing N N 41  
C   P     OP1    doub N N 42  
C   P     OP2    sing N N 43  
C   P     "O5'"  sing N N 44  
C   OP2   HOP2   sing N N 45  
C   "O5'" "C5'"  sing N N 46  
C   "C5'" "C4'"  sing N N 47  
C   "C5'" "H5'"  sing N N 48  
C   "C5'" "H5''" sing N N 49  
C   "C4'" "O4'"  sing N N 50  
C   "C4'" "C3'"  sing N N 51  
C   "C4'" "H4'"  sing N N 52  
C   "O4'" "C1'"  sing N N 53  
C   "C3'" "O3'"  sing N N 54  
C   "C3'" "C2'"  sing N N 55  
C   "C3'" "H3'"  sing N N 56  
C   "O3'" "HO3'" sing N N 57  
C   "C2'" "O2'"  sing N N 58  
C   "C2'" "C1'"  sing N N 59  
C   "C2'" "H2'"  sing N N 60  
C   "O2'" "HO2'" sing N N 61  
C   "C1'" N1     sing N N 62  
C   "C1'" "H1'"  sing N N 63  
C   N1    C2     sing N N 64  
C   N1    C6     sing N N 65  
C   C2    O2     doub N N 66  
C   C2    N3     sing N N 67  
C   N3    C4     doub N N 68  
C   C4    N4     sing N N 69  
C   C4    C5     sing N N 70  
C   N4    H41    sing N N 71  
C   N4    H42    sing N N 72  
C   C5    C6     doub N N 73  
C   C5    H5     sing N N 74  
C   C6    H6     sing N N 75  
CBR BR    C5     sing N N 76  
CBR P     OP1    doub N N 77  
CBR P     OP2    sing N N 78  
CBR P     "O5'"  sing N N 79  
CBR P     OP3    sing N N 80  
CBR OP2   HOP2   sing N N 81  
CBR "O5'" "C5'"  sing N N 82  
CBR N1    C6     sing N N 83  
CBR N1    C2     sing N N 84  
CBR N1    "C1'"  sing N N 85  
CBR C6    C5     doub N N 86  
CBR C6    H6     sing N N 87  
CBR C2    O2     doub N N 88  
CBR C2    N3     sing N N 89  
CBR N3    C4     doub N N 90  
CBR C4    N4     sing N N 91  
CBR C4    C5     sing N N 92  
CBR N4    H41    sing N N 93  
CBR N4    H42    sing N N 94  
CBR "C2'" "C1'"  sing N N 95  
CBR "C2'" "C3'"  sing N N 96  
CBR "C2'" "H2'"  sing N N 97  
CBR "C2'" "H2''" sing N N 98  
CBR "C5'" "C4'"  sing N N 99  
CBR "C5'" "H5'"  sing N N 100 
CBR "C5'" "H5''" sing N N 101 
CBR "C4'" "O4'"  sing N N 102 
CBR "C4'" "C3'"  sing N N 103 
CBR "C4'" "H4'"  sing N N 104 
CBR "O4'" "C1'"  sing N N 105 
CBR "C1'" "H1'"  sing N N 106 
CBR "C3'" "O3'"  sing N N 107 
CBR "C3'" "H3'"  sing N N 108 
CBR "O3'" "HO3'" sing N N 109 
CBR OP3   HOP3   sing N N 110 
G   OP3   P      sing N N 111 
G   OP3   HOP3   sing N N 112 
G   P     OP1    doub N N 113 
G   P     OP2    sing N N 114 
G   P     "O5'"  sing N N 115 
G   OP2   HOP2   sing N N 116 
G   "O5'" "C5'"  sing N N 117 
G   "C5'" "C4'"  sing N N 118 
G   "C5'" "H5'"  sing N N 119 
G   "C5'" "H5''" sing N N 120 
G   "C4'" "O4'"  sing N N 121 
G   "C4'" "C3'"  sing N N 122 
G   "C4'" "H4'"  sing N N 123 
G   "O4'" "C1'"  sing N N 124 
G   "C3'" "O3'"  sing N N 125 
G   "C3'" "C2'"  sing N N 126 
G   "C3'" "H3'"  sing N N 127 
G   "O3'" "HO3'" sing N N 128 
G   "C2'" "O2'"  sing N N 129 
G   "C2'" "C1'"  sing N N 130 
G   "C2'" "H2'"  sing N N 131 
G   "O2'" "HO2'" sing N N 132 
G   "C1'" N9     sing N N 133 
G   "C1'" "H1'"  sing N N 134 
G   N9    C8     sing Y N 135 
G   N9    C4     sing Y N 136 
G   C8    N7     doub Y N 137 
G   C8    H8     sing N N 138 
G   N7    C5     sing Y N 139 
G   C5    C6     sing N N 140 
G   C5    C4     doub Y N 141 
G   C6    O6     doub N N 142 
G   C6    N1     sing N N 143 
G   N1    C2     sing N N 144 
G   N1    H1     sing N N 145 
G   C2    N2     sing N N 146 
G   C2    N3     doub N N 147 
G   N2    H21    sing N N 148 
G   N2    H22    sing N N 149 
G   N3    C4     sing N N 150 
HOH O     H1     sing N N 151 
HOH O     H2     sing N N 152 
U   OP3   P      sing N N 153 
U   OP3   HOP3   sing N N 154 
U   P     OP1    doub N N 155 
U   P     OP2    sing N N 156 
U   P     "O5'"  sing N N 157 
U   OP2   HOP2   sing N N 158 
U   "O5'" "C5'"  sing N N 159 
U   "C5'" "C4'"  sing N N 160 
U   "C5'" "H5'"  sing N N 161 
U   "C5'" "H5''" sing N N 162 
U   "C4'" "O4'"  sing N N 163 
U   "C4'" "C3'"  sing N N 164 
U   "C4'" "H4'"  sing N N 165 
U   "O4'" "C1'"  sing N N 166 
U   "C3'" "O3'"  sing N N 167 
U   "C3'" "C2'"  sing N N 168 
U   "C3'" "H3'"  sing N N 169 
U   "O3'" "HO3'" sing N N 170 
U   "C2'" "O2'"  sing N N 171 
U   "C2'" "C1'"  sing N N 172 
U   "C2'" "H2'"  sing N N 173 
U   "O2'" "HO2'" sing N N 174 
U   "C1'" N1     sing N N 175 
U   "C1'" "H1'"  sing N N 176 
U   N1    C2     sing N N 177 
U   N1    C6     sing N N 178 
U   C2    O2     doub N N 179 
U   C2    N3     sing N N 180 
U   N3    C4     sing N N 181 
U   N3    H3     sing N N 182 
U   C4    O4     doub N N 183 
U   C4    C5     sing N N 184 
U   C5    C6     doub N N 185 
U   C5    H5     sing N N 186 
U   C6    H6     sing N N 187 
# 
loop_
_ndb_struct_conf_na.entry_id 
_ndb_struct_conf_na.feature 
5AY3 'double helix'        
5AY3 'a-form double helix' 
# 
loop_
_ndb_struct_na_base_pair.model_number 
_ndb_struct_na_base_pair.i_label_asym_id 
_ndb_struct_na_base_pair.i_label_comp_id 
_ndb_struct_na_base_pair.i_label_seq_id 
_ndb_struct_na_base_pair.i_symmetry 
_ndb_struct_na_base_pair.j_label_asym_id 
_ndb_struct_na_base_pair.j_label_comp_id 
_ndb_struct_na_base_pair.j_label_seq_id 
_ndb_struct_na_base_pair.j_symmetry 
_ndb_struct_na_base_pair.shear 
_ndb_struct_na_base_pair.stretch 
_ndb_struct_na_base_pair.stagger 
_ndb_struct_na_base_pair.buckle 
_ndb_struct_na_base_pair.propeller 
_ndb_struct_na_base_pair.opening 
_ndb_struct_na_base_pair.pair_number 
_ndb_struct_na_base_pair.pair_name 
_ndb_struct_na_base_pair.i_auth_asym_id 
_ndb_struct_na_base_pair.i_auth_seq_id 
_ndb_struct_na_base_pair.i_PDB_ins_code 
_ndb_struct_na_base_pair.j_auth_asym_id 
_ndb_struct_na_base_pair.j_auth_seq_id 
_ndb_struct_na_base_pair.j_PDB_ins_code 
_ndb_struct_na_base_pair.hbond_type_28 
_ndb_struct_na_base_pair.hbond_type_12 
1 A G   1  1_555 B C   12 1_555 -0.201 -0.105 0.001  -5.242 -5.227  -2.045  1  A_G1:C12_B  A 1  ? B 12 ? 19 1 
1 A G   2  1_555 B C   11 1_555 -0.205 -0.061 0.039  -5.371 -16.576 4.838   2  A_G2:C11_B  A 2  ? B 11 ? 19 1 
1 A A   3  1_555 B U   10 1_555 0.013  -0.053 -0.067 -2.827 -10.405 -3.767  3  A_A3:U10_B  A 3  ? B 10 ? 20 1 
1 A C   4  1_555 B C   9  1_555 2.592  -0.936 -0.407 -2.627 -12.069 -15.693 4  A_C4:C9_B   A 4  ? B 9  ? ?  ? 
1 A U   5  1_555 B A   8  1_555 -0.032 -0.062 0.035  9.472  -3.003  0.633   5  A_U5:A8_B   A 5  ? B 8  ? 20 1 
1 A CBR 6  1_555 B G   7  1_555 0.114  -0.127 -0.151 11.985 -16.081 -0.428  6  A_CBR6:G7_B A 6  ? B 7  ? 19 1 
1 A G   7  1_555 B CBR 6  1_555 -0.215 -0.147 -0.079 -5.414 -12.894 -0.695  7  A_G7:CBR6_B A 7  ? B 6  ? 19 1 
1 A A   8  1_555 B U   5  1_555 0.007  -0.097 0.240  3.435  -12.442 4.075   8  A_A8:U5_B   A 8  ? B 5  ? 20 1 
1 A C   9  1_555 B C   4  1_555 -2.377 -0.791 -0.400 -4.950 -15.836 -14.055 9  A_C9:C4_B   A 9  ? B 4  ? 14 1 
1 A U   10 1_555 B A   3  1_555 -0.057 -0.054 -0.071 -0.148 -7.807  -3.852  10 A_U10:A3_B  A 10 ? B 3  ? 20 1 
1 A C   11 1_555 B G   2  1_555 0.497  -0.145 -0.048 4.880  -12.959 3.195   11 A_C11:G2_B  A 11 ? B 2  ? 19 1 
1 A C   12 1_555 B G   1  1_555 0.196  -0.117 0.100  1.716  -8.235  -0.958  12 A_C12:G1_B  A 12 ? B 1  ? 19 1 
# 
loop_
_ndb_struct_na_base_pair_step.model_number 
_ndb_struct_na_base_pair_step.i_label_asym_id_1 
_ndb_struct_na_base_pair_step.i_label_comp_id_1 
_ndb_struct_na_base_pair_step.i_label_seq_id_1 
_ndb_struct_na_base_pair_step.i_symmetry_1 
_ndb_struct_na_base_pair_step.j_label_asym_id_1 
_ndb_struct_na_base_pair_step.j_label_comp_id_1 
_ndb_struct_na_base_pair_step.j_label_seq_id_1 
_ndb_struct_na_base_pair_step.j_symmetry_1 
_ndb_struct_na_base_pair_step.i_label_asym_id_2 
_ndb_struct_na_base_pair_step.i_label_comp_id_2 
_ndb_struct_na_base_pair_step.i_label_seq_id_2 
_ndb_struct_na_base_pair_step.i_symmetry_2 
_ndb_struct_na_base_pair_step.j_label_asym_id_2 
_ndb_struct_na_base_pair_step.j_label_comp_id_2 
_ndb_struct_na_base_pair_step.j_label_seq_id_2 
_ndb_struct_na_base_pair_step.j_symmetry_2 
_ndb_struct_na_base_pair_step.shift 
_ndb_struct_na_base_pair_step.slide 
_ndb_struct_na_base_pair_step.rise 
_ndb_struct_na_base_pair_step.tilt 
_ndb_struct_na_base_pair_step.roll 
_ndb_struct_na_base_pair_step.twist 
_ndb_struct_na_base_pair_step.x_displacement 
_ndb_struct_na_base_pair_step.y_displacement 
_ndb_struct_na_base_pair_step.helical_rise 
_ndb_struct_na_base_pair_step.inclination 
_ndb_struct_na_base_pair_step.tip 
_ndb_struct_na_base_pair_step.helical_twist 
_ndb_struct_na_base_pair_step.step_number 
_ndb_struct_na_base_pair_step.step_name 
_ndb_struct_na_base_pair_step.i_auth_asym_id_1 
_ndb_struct_na_base_pair_step.i_auth_seq_id_1 
_ndb_struct_na_base_pair_step.i_PDB_ins_code_1 
_ndb_struct_na_base_pair_step.j_auth_asym_id_1 
_ndb_struct_na_base_pair_step.j_auth_seq_id_1 
_ndb_struct_na_base_pair_step.j_PDB_ins_code_1 
_ndb_struct_na_base_pair_step.i_auth_asym_id_2 
_ndb_struct_na_base_pair_step.i_auth_seq_id_2 
_ndb_struct_na_base_pair_step.i_PDB_ins_code_2 
_ndb_struct_na_base_pair_step.j_auth_asym_id_2 
_ndb_struct_na_base_pair_step.j_auth_seq_id_2 
_ndb_struct_na_base_pair_step.j_PDB_ins_code_2 
1 A G   1  1_555 B C   12 1_555 A G   2  1_555 B C   11 1_555 0.900  -1.990 3.201 1.526  8.872  31.445 -4.927  -1.361 2.598 15.965 
-2.746 32.677 1  AA_G1G2:C11C12_BB   A 1  ? B 12 ? A 2  ? B 11 ? 
1 A G   2  1_555 B C   11 1_555 A A   3  1_555 B U   10 1_555 -1.152 -1.465 3.136 -1.125 7.018  34.405 -3.396  1.754  2.827 11.709 
1.878  35.110 2  AA_G2A3:U10C11_BB   A 2  ? B 11 ? A 3  ? B 10 ? 
1 A A   3  1_555 B U   10 1_555 A C   4  1_555 B C   9  1_555 -0.461 -1.341 3.400 3.826  7.493  41.769 -2.604  1.021  3.074 10.383 
-5.302 42.571 3  AA_A3C4:C9U10_BB    A 3  ? B 10 ? A 4  ? B 9  ? 
1 A C   4  1_555 B C   9  1_555 A U   5  1_555 B A   8  1_555 0.036  -2.465 2.945 -5.291 10.750 12.825 -12.235 -2.158 0.642 38.775 
19.086 17.534 4  AA_C4U5:A8C9_BB     A 4  ? B 9  ? A 5  ? B 8  ? 
1 A U   5  1_555 B A   8  1_555 A CBR 6  1_555 B G   7  1_555 -0.392 -2.063 3.141 -1.072 8.624  31.829 -4.930  0.530  2.523 15.370 
1.911  32.964 5  AA_U5CBR6:G7A8_BB   A 5  ? B 8  ? A 6  ? B 7  ? 
1 A CBR 6  1_555 B G   7  1_555 A G   7  1_555 B CBR 6  1_555 -0.627 -1.691 3.495 -2.296 14.051 31.846 -4.910  0.708  2.581 24.155 
3.947  34.808 6  AA_CBR6G7:CBR6G7_BB A 6  ? B 7  ? A 7  ? B 6  ? 
1 A G   7  1_555 B CBR 6  1_555 A A   8  1_555 B U   5  1_555 0.464  -1.222 2.980 -1.240 2.650  33.688 -2.483  -0.978 2.860 4.561  
2.134  33.811 7  AA_G7A8:U5CBR6_BB   A 7  ? B 6  ? A 8  ? B 5  ? 
1 A A   8  1_555 B U   5  1_555 A C   9  1_555 B C   4  1_555 -0.938 -2.325 3.347 0.360  14.641 24.039 -7.645  2.003  1.666 31.668 
-0.779 28.093 8  AA_A8C9:C4U5_BB     A 8  ? B 5  ? A 9  ? B 4  ? 
1 A C   9  1_555 B C   4  1_555 A U   10 1_555 B A   3  1_555 0.521  -1.324 3.206 -2.326 3.251  40.708 -2.237  -0.991 3.063 4.659  
3.333  40.896 9  AA_C9U10:A3C4_BB    A 9  ? B 4  ? A 10 ? B 3  ? 
1 A U   10 1_555 B A   3  1_555 A C   11 1_555 B G   2  1_555 0.702  -1.454 3.156 0.421  4.488  33.428 -3.190  -1.146 2.950 7.759  
-0.727 33.722 10 AA_U10C11:G2A3_BB   A 10 ? B 3  ? A 11 ? B 2  ? 
1 A C   11 1_555 B G   2  1_555 A C   12 1_555 B G   1  1_555 -0.048 -1.994 3.238 0.427  8.086  32.980 -4.610  0.146  2.687 13.983 
-0.739 33.932 11 AA_C11C12:G1G2_BB   A 11 ? B 2  ? A 12 ? B 1  ? 
# 
_atom_sites.entry_id                    5AY3 
_atom_sites.fract_transf_matrix[1][1]   0.01675905 
_atom_sites.fract_transf_matrix[1][2]   0.03526104 
_atom_sites.fract_transf_matrix[1][3]   0.00034627 
_atom_sites.fract_transf_matrix[2][1]   -0.01797604 
_atom_sites.fract_transf_matrix[2][2]   0.00864580 
_atom_sites.fract_transf_matrix[2][3]   -0.01039242 
_atom_sites.fract_transf_matrix[3][1]   -0.00983876 
_atom_sites.fract_transf_matrix[3][2]   0.01862746 
_atom_sites.fract_transf_matrix[3][3]   0.03251518 
_atom_sites.fract_transf_vector[1]      0.256883 
_atom_sites.fract_transf_vector[2]      0.767678 
_atom_sites.fract_transf_vector[3]      0.639960 
# 
loop_
_atom_type.symbol 
BR 
C  
N  
O  
P  
# 
loop_
_atom_site.group_PDB 
_atom_site.id 
_atom_site.type_symbol 
_atom_site.label_atom_id 
_atom_site.label_alt_id 
_atom_site.label_comp_id 
_atom_site.label_asym_id 
_atom_site.label_entity_id 
_atom_site.label_seq_id 
_atom_site.pdbx_PDB_ins_code 
_atom_site.Cartn_x 
_atom_site.Cartn_y 
_atom_site.Cartn_z 
_atom_site.occupancy 
_atom_site.B_iso_or_equiv 
_atom_site.pdbx_formal_charge 
_atom_site.auth_seq_id 
_atom_site.auth_comp_id 
_atom_site.auth_asym_id 
_atom_site.auth_atom_id 
_atom_site.pdbx_PDB_model_num 
ATOM   1   O  "O5'" . G   A 1 1  ? -6.869  -12.899 -3.067  1.00 15.37 ? 1   G   A "O5'" 1 
ATOM   2   C  "C5'" . G   A 1 1  ? -7.603  -13.525 -2.018  1.00 14.03 ? 1   G   A "C5'" 1 
ATOM   3   C  "C4'" . G   A 1 1  ? -6.726  -14.402 -1.157  1.00 12.83 ? 1   G   A "C4'" 1 
ATOM   4   O  "O4'" . G   A 1 1  ? -6.172  -15.500 -1.938  1.00 12.42 ? 1   G   A "O4'" 1 
ATOM   5   C  "C3'" . G   A 1 1  ? -5.500  -13.739 -0.551  1.00 11.20 ? 1   G   A "C3'" 1 
ATOM   6   O  "O3'" . G   A 1 1  ? -5.849  -12.993 0.608   1.00 11.46 ? 1   G   A "O3'" 1 
ATOM   7   C  "C2'" . G   A 1 1  ? -4.667  -14.966 -0.213  1.00 11.09 ? 1   G   A "C2'" 1 
ATOM   8   O  "O2'" . G   A 1 1  ? -5.187  -15.681 0.890   1.00 11.68 ? 1   G   A "O2'" 1 
ATOM   9   C  "C1'" . G   A 1 1  ? -4.850  -15.777 -1.496  1.00 11.58 ? 1   G   A "C1'" 1 
ATOM   10  N  N9    . G   A 1 1  ? -3.920  -15.325 -2.524  1.00 9.83  ? 1   G   A N9    1 
ATOM   11  C  C8    . G   A 1 1  ? -4.216  -14.588 -3.646  1.00 10.05 ? 1   G   A C8    1 
ATOM   12  N  N7    . G   A 1 1  ? -3.160  -14.285 -4.352  1.00 10.54 ? 1   G   A N7    1 
ATOM   13  C  C5    . G   A 1 1  ? -2.105  -14.865 -3.661  1.00 9.46  ? 1   G   A C5    1 
ATOM   14  C  C6    . G   A 1 1  ? -0.711  -14.863 -3.939  1.00 9.57  ? 1   G   A C6    1 
ATOM   15  O  O6    . G   A 1 1  ? -0.113  -14.324 -4.878  1.00 9.67  ? 1   G   A O6    1 
ATOM   16  N  N1    . G   A 1 1  ? 0.001   -15.578 -2.984  1.00 10.05 ? 1   G   A N1    1 
ATOM   17  C  C2    . G   A 1 1  ? -0.553  -16.211 -1.897  1.00 9.72  ? 1   G   A C2    1 
ATOM   18  N  N2    . G   A 1 1  ? 0.303   -16.852 -1.087  1.00 10.50 ? 1   G   A N2    1 
ATOM   19  N  N3    . G   A 1 1  ? -1.848  -16.214 -1.626  1.00 9.78  ? 1   G   A N3    1 
ATOM   20  C  C4    . G   A 1 1  ? -2.558  -15.525 -2.541  1.00 9.26  ? 1   G   A C4    1 
ATOM   21  P  P     . G   A 1 2  ? -5.032  -11.657 0.977   1.00 12.30 ? 2   G   A P     1 
ATOM   22  O  OP1   . G   A 1 2  ? -5.702  -11.060 2.159   1.00 12.89 ? 2   G   A OP1   1 
ATOM   23  O  OP2   . G   A 1 2  ? -4.840  -10.840 -0.243  1.00 14.08 ? 2   G   A OP2   1 
ATOM   24  O  "O5'" . G   A 1 2  ? -3.600  -12.180 1.422   1.00 12.33 ? 2   G   A "O5'" 1 
ATOM   25  C  "C5'" . G   A 1 2  ? -3.455  -13.082 2.501   1.00 13.35 ? 2   G   A "C5'" 1 
ATOM   26  C  "C4'" . G   A 1 2  ? -2.031  -13.555 2.567   1.00 11.64 ? 2   G   A "C4'" 1 
ATOM   27  O  "O4'" . G   A 1 2  ? -1.709  -14.221 1.317   1.00 11.64 ? 2   G   A "O4'" 1 
ATOM   28  C  "C3'" . G   A 1 2  ? -0.992  -12.448 2.645   1.00 11.60 ? 2   G   A "C3'" 1 
ATOM   29  O  "O3'" . G   A 1 2  ? -0.860  -11.972 3.977   1.00 12.24 ? 2   G   A "O3'" 1 
ATOM   30  C  "C2'" . G   A 1 2  ? 0.247   -13.172 2.146   1.00 12.31 ? 2   G   A "C2'" 1 
ATOM   31  O  "O2'" . G   A 1 2  ? 0.806   -14.028 3.122   1.00 12.54 ? 2   G   A "O2'" 1 
ATOM   32  C  "C1'" . G   A 1 2  ? -0.346  -13.989 0.998   1.00 10.78 ? 2   G   A "C1'" 1 
ATOM   33  N  N9    . G   A 1 2  ? -0.267  -13.276 -0.274  1.00 10.54 ? 2   G   A N9    1 
ATOM   34  C  C8    . G   A 1 2  ? -1.274  -12.653 -0.975  1.00 9.94  ? 2   G   A C8    1 
ATOM   35  N  N7    . G   A 1 2  ? -0.855  -12.097 -2.084  1.00 9.99  ? 2   G   A N7    1 
ATOM   36  C  C5    . G   A 1 2  ? 0.508   -12.378 -2.112  1.00 9.81  ? 2   G   A C5    1 
ATOM   37  C  C6    . G   A 1 2  ? 1.508   -12.049 -3.074  1.00 9.42  ? 2   G   A C6    1 
ATOM   38  O  O6    . G   A 1 2  ? 1.388   -11.431 -4.138  1.00 10.65 ? 2   G   A O6    1 
ATOM   39  N  N1    . G   A 1 2  ? 2.757   -12.524 -2.693  1.00 9.16  ? 2   G   A N1    1 
ATOM   40  C  C2    . G   A 1 2  ? 3.017   -13.228 -1.547  1.00 10.55 ? 2   G   A C2    1 
ATOM   41  N  N2    . G   A 1 2  ? 4.292   -13.588 -1.347  1.00 10.71 ? 2   G   A N2    1 
ATOM   42  N  N3    . G   A 1 2  ? 2.099   -13.553 -0.656  1.00 10.72 ? 2   G   A N3    1 
ATOM   43  C  C4    . G   A 1 2  ? 0.879   -13.100 -1.000  1.00 9.53  ? 2   G   A C4    1 
ATOM   44  P  P     . A   A 1 3  ? -0.328  -10.478 4.243   1.00 12.40 ? 3   A   A P     1 
ATOM   45  O  OP1   . A   A 1 3  ? -0.636  -10.181 5.666   1.00 13.25 ? 3   A   A OP1   1 
ATOM   46  O  OP2   . A   A 1 3  ? -0.810  -9.554  3.187   1.00 13.89 ? 3   A   A OP2   1 
ATOM   47  O  "O5'" . A   A 1 3  ? 1.251   -10.597 4.083   1.00 10.65 ? 3   A   A "O5'" 1 
ATOM   48  C  "C5'" . A   A 1 3  ? 2.023   -11.358 4.999   1.00 12.12 ? 3   A   A "C5'" 1 
ATOM   49  C  "C4'" . A   A 1 3  ? 3.478   -11.308 4.609   1.00 11.83 ? 3   A   A "C4'" 1 
ATOM   50  O  "O4'" . A   A 1 3  ? 3.681   -11.994 3.342   1.00 10.45 ? 3   A   A "O4'" 1 
ATOM   51  C  "C3'" . A   A 1 3  ? 4.035   -9.919  4.349   1.00 10.65 ? 3   A   A "C3'" 1 
ATOM   52  O  "O3'" . A   A 1 3  ? 4.369   -9.258  5.561   1.00 11.60 ? 3   A   A "O3'" 1 
ATOM   53  C  "C2'" . A   A 1 3  ? 5.263   -10.255 3.523   1.00 9.92  ? 3   A   A "C2'" 1 
ATOM   54  O  "O2'" . A   A 1 3  ? 6.275   -10.820 4.330   1.00 11.25 ? 3   A   A "O2'" 1 
ATOM   55  C  "C1'" . A   A 1 3  ? 4.685   -11.321 2.590   1.00 10.34 ? 3   A   A "C1'" 1 
ATOM   56  N  N9    . A   A 1 3  ? 4.056   -10.754 1.395   1.00 9.55  ? 3   A   A N9    1 
ATOM   57  C  C8    . A   A 1 3  ? 2.723   -10.495 1.202   1.00 11.06 ? 3   A   A C8    1 
ATOM   58  N  N7    . A   A 1 3  ? 2.444   -10.005 0.020   1.00 10.41 ? 3   A   A N7    1 
ATOM   59  C  C5    . A   A 1 3  ? 3.676   -9.932  -0.612  1.00 10.20 ? 3   A   A C5    1 
ATOM   60  C  C6    . A   A 1 3  ? 4.055   -9.505  -1.899  1.00 9.83  ? 3   A   A C6    1 
ATOM   61  N  N6    . A   A 1 3  ? 3.191   -9.062  -2.816  1.00 10.98 ? 3   A   A N6    1 
ATOM   62  N  N1    . A   A 1 3  ? 5.368   -9.553  -2.214  1.00 10.30 ? 3   A   A N1    1 
ATOM   63  C  C2    . A   A 1 3  ? 6.232   -10.008 -1.295  1.00 11.09 ? 3   A   A C2    1 
ATOM   64  N  N3    . A   A 1 3  ? 5.996   -10.445 -0.058  1.00 10.08 ? 3   A   A N3    1 
ATOM   65  C  C4    . A   A 1 3  ? 4.682   -10.381 0.225   1.00 9.03  ? 3   A   A C4    1 
ATOM   66  P  P     . C   A 1 4  ? 4.209   -7.663  5.665   1.00 13.77 ? 4   C   A P     1 
ATOM   67  O  OP1   . C   A 1 4  ? 4.548   -7.289  7.062   1.00 14.58 ? 4   C   A OP1   1 
ATOM   68  O  OP2   . C   A 1 4  ? 2.889   -7.282  5.108   1.00 14.10 ? 4   C   A OP2   1 
ATOM   69  O  "O5'" . C   A 1 4  ? 5.338   -7.094  4.697   1.00 13.66 ? 4   C   A "O5'" 1 
ATOM   70  C  "C5'" . C   A 1 4  ? 6.713   -7.310  4.986   1.00 14.41 ? 4   C   A "C5'" 1 
ATOM   71  C  "C4'" . C   A 1 4  ? 7.562   -6.923  3.803   1.00 15.03 ? 4   C   A "C4'" 1 
ATOM   72  O  "O4'" . C   A 1 4  ? 7.218   -7.742  2.650   1.00 14.24 ? 4   C   A "O4'" 1 
ATOM   73  C  "C3'" . C   A 1 4  ? 7.386   -5.506  3.284   1.00 15.34 ? 4   C   A "C3'" 1 
ATOM   74  O  "O3'" . C   A 1 4  ? 8.056   -4.556  4.111   1.00 16.21 ? 4   C   A "O3'" 1 
ATOM   75  C  "C2'" . C   A 1 4  ? 7.993   -5.640  1.895   1.00 15.59 ? 4   C   A "C2'" 1 
ATOM   76  O  "O2'" . C   A 1 4  ? 9.405   -5.720  1.928   1.00 16.50 ? 4   C   A "O2'" 1 
ATOM   77  C  "C1'" . C   A 1 4  ? 7.412   -6.988  1.460   1.00 13.87 ? 4   C   A "C1'" 1 
ATOM   78  N  N1    . C   A 1 4  ? 6.114   -6.840  0.779   1.00 12.74 ? 4   C   A N1    1 
ATOM   79  C  C2    . C   A 1 4  ? 6.105   -6.553  -0.589  1.00 13.41 ? 4   C   A C2    1 
ATOM   80  O  O2    . C   A 1 4  ? 7.185   -6.477  -1.191  1.00 14.10 ? 4   C   A O2    1 
ATOM   81  N  N3    . C   A 1 4  ? 4.923   -6.369  -1.220  1.00 12.77 ? 4   C   A N3    1 
ATOM   82  C  C4    . C   A 1 4  ? 3.781   -6.472  -0.538  1.00 10.96 ? 4   C   A C4    1 
ATOM   83  N  N4    . C   A 1 4  ? 2.638   -6.275  -1.198  1.00 12.35 ? 4   C   A N4    1 
ATOM   84  C  C5    . C   A 1 4  ? 3.758   -6.782  0.853   1.00 11.64 ? 4   C   A C5    1 
ATOM   85  C  C6    . C   A 1 4  ? 4.936   -6.959  1.466   1.00 11.75 ? 4   C   A C6    1 
ATOM   86  P  P     . U   A 1 5  ? 7.531   -3.035  4.170   1.00 18.31 ? 5   U   A P     1 
ATOM   87  O  OP1   . U   A 1 5  ? 8.228   -2.370  5.305   1.00 19.39 ? 5   U   A OP1   1 
ATOM   88  O  OP2   . U   A 1 5  ? 6.050   -3.029  4.118   1.00 19.41 ? 5   U   A OP2   1 
ATOM   89  O  "O5'" . U   A 1 5  ? 8.076   -2.406  2.814   1.00 18.34 ? 5   U   A "O5'" 1 
ATOM   90  C  "C5'" . U   A 1 5  ? 9.472   -2.367  2.545   1.00 18.53 ? 5   U   A "C5'" 1 
ATOM   91  C  "C4'" . U   A 1 5  ? 9.726   -1.899  1.133   1.00 17.84 ? 5   U   A "C4'" 1 
ATOM   92  O  "O4'" . U   A 1 5  ? 9.225   -2.871  0.174   1.00 17.44 ? 5   U   A "O4'" 1 
ATOM   93  C  "C3'" . U   A 1 5  ? 9.041   -0.609  0.717   1.00 17.28 ? 5   U   A "C3'" 1 
ATOM   94  O  "O3'" . U   A 1 5  ? 9.735   0.530   1.221   1.00 17.81 ? 5   U   A "O3'" 1 
ATOM   95  C  "C2'" . U   A 1 5  ? 9.124   -0.711  -0.799  1.00 17.06 ? 5   U   A "C2'" 1 
ATOM   96  O  "O2'" . U   A 1 5  ? 10.414  -0.404  -1.288  1.00 19.21 ? 5   U   A "O2'" 1 
ATOM   97  C  "C1'" . U   A 1 5  ? 8.826   -2.199  -1.012  1.00 16.59 ? 5   U   A "C1'" 1 
ATOM   98  N  N1    . U   A 1 5  ? 7.401   -2.477  -1.250  1.00 15.73 ? 5   U   A N1    1 
ATOM   99  C  C2    . U   A 1 5  ? 6.898   -2.217  -2.512  1.00 15.49 ? 5   U   A C2    1 
ATOM   100 O  O2    . U   A 1 5  ? 7.583   -1.773  -3.417  1.00 16.78 ? 5   U   A O2    1 
ATOM   101 N  N3    . U   A 1 5  ? 5.562   -2.492  -2.675  1.00 13.32 ? 5   U   A N3    1 
ATOM   102 C  C4    . U   A 1 5  ? 4.697   -2.988  -1.726  1.00 12.32 ? 5   U   A C4    1 
ATOM   103 O  O4    . U   A 1 5  ? 3.517   -3.189  -2.030  1.00 11.72 ? 5   U   A O4    1 
ATOM   104 C  C5    . U   A 1 5  ? 5.291   -3.232  -0.446  1.00 12.19 ? 5   U   A C5    1 
ATOM   105 C  C6    . U   A 1 5  ? 6.592   -2.975  -0.257  1.00 13.83 ? 5   U   A C6    1 
HETATM 106 BR BR    . CBR A 1 6  ? 4.871   0.351   0.029   1.00 17.88 ? 6   CBR A BR    1 
HETATM 107 P  P     . CBR A 1 6  ? 8.954   1.924   1.402   1.00 17.57 ? 6   CBR A P     1 
HETATM 108 O  OP1   . CBR A 1 6  ? 9.892   2.863   2.075   1.00 19.35 ? 6   CBR A OP1   1 
HETATM 109 O  OP2   . CBR A 1 6  ? 7.622   1.661   2.004   1.00 19.65 ? 6   CBR A OP2   1 
HETATM 110 O  "O5'" . CBR A 1 6  ? 8.732   2.428   -0.093  1.00 16.10 ? 6   CBR A "O5'" 1 
HETATM 111 N  N1    . CBR A 1 6  ? 6.472   1.856   -3.439  1.00 11.93 ? 6   CBR A N1    1 
HETATM 112 C  C6    . CBR A 1 6  ? 6.308   1.372   -2.175  1.00 13.35 ? 6   CBR A C6    1 
HETATM 113 C  C2    . CBR A 1 6  ? 5.417   1.794   -4.360  1.00 12.31 ? 6   CBR A C2    1 
HETATM 114 O  O2    . CBR A 1 6  ? 5.586   2.250   -5.497  1.00 12.40 ? 6   CBR A O2    1 
HETATM 115 N  N3    . CBR A 1 6  ? 4.239   1.243   -3.986  1.00 11.35 ? 6   CBR A N3    1 
HETATM 116 C  C4    . CBR A 1 6  ? 4.092   0.773   -2.747  1.00 11.48 ? 6   CBR A C4    1 
HETATM 117 N  N4    . CBR A 1 6  ? 2.912   0.235   -2.419  1.00 10.62 ? 6   CBR A N4    1 
HETATM 118 C  C5    . CBR A 1 6  ? 5.151   0.832   -1.794  1.00 12.47 ? 6   CBR A C5    1 
HETATM 119 C  "C2'" . CBR A 1 6  ? 7.754   3.974   -3.780  1.00 13.48 ? 6   CBR A "C2'" 1 
HETATM 120 C  "C5'" . CBR A 1 6  ? 9.843   2.757   -0.920  1.00 16.18 ? 6   CBR A "C5'" 1 
HETATM 121 C  "C4'" . CBR A 1 6  ? 9.378   3.123   -2.309  1.00 14.67 ? 6   CBR A "C4'" 1 
HETATM 122 O  "O4'" . CBR A 1 6  ? 8.764   1.987   -2.961  1.00 14.47 ? 6   CBR A "O4'" 1 
HETATM 123 C  "C1'" . CBR A 1 6  ? 7.749   2.449   -3.858  1.00 12.21 ? 6   CBR A "C1'" 1 
HETATM 124 C  "C3'" . CBR A 1 6  ? 8.319   4.215   -2.395  1.00 13.41 ? 6   CBR A "C3'" 1 
HETATM 125 O  "O3'" . CBR A 1 6  ? 8.905   5.515   -2.286  1.00 14.03 ? 6   CBR A "O3'" 1 
ATOM   126 P  P     . G   A 1 7  ? 7.991   6.760   -1.854  1.00 15.04 ? 7   G   A P     1 
ATOM   127 O  OP1   . G   A 1 7  ? 8.889   7.938   -1.732  1.00 16.08 ? 7   G   A OP1   1 
ATOM   128 O  OP2   . G   A 1 7  ? 7.136   6.365   -0.704  1.00 17.24 ? 7   G   A OP2   1 
ATOM   129 O  "O5'" . G   A 1 7  ? 7.034   6.986   -3.106  1.00 12.06 ? 7   G   A "O5'" 1 
ATOM   130 C  "C5'" . G   A 1 7  ? 7.506   7.620   -4.284  1.00 11.50 ? 7   G   A "C5'" 1 
ATOM   131 C  "C4'" . G   A 1 7  ? 6.363   7.835   -5.240  1.00 10.50 ? 7   G   A "C4'" 1 
ATOM   132 O  "O4'" . G   A 1 7  ? 5.826   6.548   -5.650  1.00 9.98  ? 7   G   A "O4'" 1 
ATOM   133 C  "C3'" . G   A 1 7  ? 5.149   8.550   -4.670  1.00 10.63 ? 7   G   A "C3'" 1 
ATOM   134 O  "O3'" . G   A 1 7  ? 5.336   9.953   -4.689  1.00 12.05 ? 7   G   A "O3'" 1 
ATOM   135 C  "C2'" . G   A 1 7  ? 4.077   8.135   -5.660  1.00 11.27 ? 7   G   A "C2'" 1 
ATOM   136 O  "O2'" . G   A 1 7  ? 4.218   8.813   -6.892  1.00 12.54 ? 7   G   A "O2'" 1 
ATOM   137 C  "C1'" . G   A 1 7  ? 4.425   6.661   -5.849  1.00 10.34 ? 7   G   A "C1'" 1 
ATOM   138 N  N9    . G   A 1 7  ? 3.757   5.791   -4.890  1.00 9.19  ? 7   G   A N9    1 
ATOM   139 C  C8    . G   A 1 7  ? 4.310   5.186   -3.790  1.00 9.75  ? 7   G   A C8    1 
ATOM   140 N  N7    . G   A 1 7  ? 3.467   4.426   -3.145  1.00 9.85  ? 7   G   A N7    1 
ATOM   141 C  C5    . G   A 1 7  ? 2.286   4.542   -3.862  1.00 8.97  ? 7   G   A C5    1 
ATOM   142 C  C6    . G   A 1 7  ? 1.025   3.933   -3.656  1.00 9.08  ? 7   G   A C6    1 
ATOM   143 O  O6    . G   A 1 7  ? 0.697   3.119   -2.782  1.00 9.79  ? 7   G   A O6    1 
ATOM   144 N  N1    . G   A 1 7  ? 0.096   4.349   -4.603  1.00 8.95  ? 7   G   A N1    1 
ATOM   145 C  C2    . G   A 1 7  ? 0.352   5.228   -5.627  1.00 8.94  ? 7   G   A C2    1 
ATOM   146 N  N2    . G   A 1 7  ? -0.682  5.530   -6.427  1.00 9.50  ? 7   G   A N2    1 
ATOM   147 N  N3    . G   A 1 7  ? 1.534   5.779   -5.847  1.00 8.94  ? 7   G   A N3    1 
ATOM   148 C  C4    . G   A 1 7  ? 2.444   5.397   -4.930  1.00 7.94  ? 7   G   A C4    1 
ATOM   149 P  P     . A   A 1 8  ? 4.663   10.858  -3.550  1.00 15.09 ? 8   A   A P     1 
ATOM   150 O  OP1   . A   A 1 8  ? 5.182   12.235  -3.750  1.00 16.57 ? 8   A   A OP1   1 
ATOM   151 O  OP2   . A   A 1 8  ? 4.856   10.187  -2.254  1.00 14.36 ? 8   A   A OP2   1 
ATOM   152 O  "O5'" . A   A 1 8  ? 3.105   10.840  -3.891  1.00 14.77 ? 8   A   A "O5'" 1 
ATOM   153 C  "C5'" . A   A 1 8  ? 2.609   11.466  -5.066  1.00 16.22 ? 8   A   A "C5'" 1 
ATOM   154 C  "C4'" . A   A 1 8  ? 1.165   11.087  -5.290  1.00 15.67 ? 8   A   A "C4'" 1 
ATOM   155 O  "O4'" . A   A 1 8  ? 1.059   9.646   -5.452  1.00 15.04 ? 8   A   A "O4'" 1 
ATOM   156 C  "C3'" . A   A 1 8  ? 0.186   11.386  -4.163  1.00 17.15 ? 8   A   A "C3'" 1 
ATOM   157 O  "O3'" . A   A 1 8  ? -0.240  12.742  -4.187  1.00 19.20 ? 8   A   A "O3'" 1 
ATOM   158 C  "C2'" . A   A 1 8  ? -0.962  10.459  -4.532  1.00 16.25 ? 8   A   A "C2'" 1 
ATOM   159 O  "O2'" . A   A 1 8  ? -1.701  10.946  -5.631  1.00 17.41 ? 8   A   A "O2'" 1 
ATOM   160 C  "C1'" . A   A 1 8  ? -0.193  9.204   -4.943  1.00 14.53 ? 8   A   A "C1'" 1 
ATOM   161 N  N9    . A   A 1 8  ? 0.054   8.309   -3.813  1.00 12.38 ? 8   A   A N9    1 
ATOM   162 C  C8    . A   A 1 8  ? 1.188   8.188   -3.053  1.00 12.88 ? 8   A   A C8    1 
ATOM   163 N  N7    . A   A 1 8  ? 1.097   7.285   -2.107  1.00 12.83 ? 8   A   A N7    1 
ATOM   164 C  C5    . A   A 1 8  ? -0.189  6.776   -2.256  1.00 11.94 ? 8   A   A C5    1 
ATOM   165 C  C6    . A   A 1 8  ? -0.906  5.780   -1.561  1.00 12.86 ? 8   A   A C6    1 
ATOM   166 N  N6    . A   A 1 8  ? -0.412  5.081   -0.540  1.00 12.57 ? 8   A   A N6    1 
ATOM   167 N  N1    . A   A 1 8  ? -2.169  5.523   -1.962  1.00 12.10 ? 8   A   A N1    1 
ATOM   168 C  C2    . A   A 1 8  ? -2.668  6.215   -2.987  1.00 13.05 ? 8   A   A C2    1 
ATOM   169 N  N3    . A   A 1 8  ? -2.096  7.167   -3.720  1.00 13.31 ? 8   A   A N3    1 
ATOM   170 C  C4    . A   A 1 8  ? -0.841  7.403   -3.298  1.00 12.74 ? 8   A   A C4    1 
ATOM   171 P  P     A C   A 1 9  ? -0.796  13.421  -2.835  0.50 20.54 ? 9   C   A P     1 
ATOM   172 P  P     B C   A 1 9  ? -0.458  13.540  -2.810  0.50 18.01 ? 9   C   A P     1 
ATOM   173 O  OP1   A C   A 1 9  ? -1.061  14.847  -3.153  0.50 21.35 ? 9   C   A OP1   1 
ATOM   174 O  OP1   B C   A 1 9  ? -0.516  14.983  -3.161  0.50 17.81 ? 9   C   A OP1   1 
ATOM   175 O  OP2   A C   A 1 9  ? 0.124   13.077  -1.722  0.50 21.18 ? 9   C   A OP2   1 
ATOM   176 O  OP2   B C   A 1 9  ? 0.541   13.066  -1.820  0.50 19.00 ? 9   C   A OP2   1 
ATOM   177 O  "O5'" A C   A 1 9  ? -2.195  12.699  -2.559  0.50 18.80 ? 9   C   A "O5'" 1 
ATOM   178 O  "O5'" B C   A 1 9  ? -1.907  13.088  -2.321  0.50 17.94 ? 9   C   A "O5'" 1 
ATOM   179 C  "C5'" A C   A 1 9  ? -3.350  13.042  -3.323  0.50 15.84 ? 9   C   A "C5'" 1 
ATOM   180 C  "C5'" B C   A 1 9  ? -3.064  13.399  -3.095  0.50 16.56 ? 9   C   A "C5'" 1 
ATOM   181 C  "C4'" A C   A 1 9  ? -4.573  12.267  -2.863  0.50 13.42 ? 9   C   A "C4'" 1 
ATOM   182 C  "C4'" B C   A 1 9  ? -4.197  12.455  -2.762  0.50 14.53 ? 9   C   A "C4'" 1 
ATOM   183 O  "O4'" A C   A 1 9  ? -4.395  10.832  -2.986  0.50 12.03 ? 9   C   A "O4'" 1 
ATOM   184 O  "O4'" B C   A 1 9  ? -3.749  11.083  -2.943  0.50 13.61 ? 9   C   A "O4'" 1 
ATOM   185 C  "C3'" A C   A 1 9  ? -5.089  12.384  -1.439  0.50 12.49 ? 9   C   A "C3'" 1 
ATOM   186 C  "C3'" B C   A 1 9  ? -4.729  12.477  -1.338  0.50 14.14 ? 9   C   A "C3'" 1 
ATOM   187 O  "O3'" A C   A 1 9  ? -5.716  13.635  -1.194  0.50 12.25 ? 9   C   A "O3'" 1 
ATOM   188 O  "O3'" B C   A 1 9  ? -5.659  13.544  -1.149  0.50 13.02 ? 9   C   A "O3'" 1 
ATOM   189 C  "C2'" A C   A 1 9  ? -6.141  11.285  -1.452  0.50 13.04 ? 9   C   A "C2'" 1 
ATOM   190 C  "C2'" B C   A 1 9  ? -5.410  11.116  -1.255  0.50 13.34 ? 9   C   A "C2'" 1 
ATOM   191 O  "O2'" A C   A 1 9  ? -7.300  11.661  -2.167  0.50 13.28 ? 9   C   A "O2'" 1 
ATOM   192 O  "O2'" B C   A 1 9  ? -6.657  11.099  -1.922  0.50 14.13 ? 9   C   A "O2'" 1 
ATOM   193 C  "C1'" A C   A 1 9  ? -5.411  10.187  -2.228  0.50 12.20 ? 9   C   A "C1'" 1 
ATOM   194 C  "C1'" B C   A 1 9  ? -4.416  10.239  -2.019  0.50 13.49 ? 9   C   A "C1'" 1 
ATOM   195 N  N1    A C   A 1 9  ? -4.784  9.230   -1.314  0.50 11.64 ? 9   C   A N1    1 
ATOM   196 N  N1    B C   A 1 9  ? -3.405  9.591   -1.164  0.50 13.13 ? 9   C   A N1    1 
ATOM   197 C  C2    A C   A 1 9  ? -5.593  8.285   -0.678  0.50 10.11 ? 9   C   A C2    1 
ATOM   198 C  C2    B C   A 1 9  ? -3.742  8.409   -0.501  0.50 12.73 ? 9   C   A C2    1 
ATOM   199 O  O2    A C   A 1 9  ? -6.807  8.267   -0.928  0.50 10.37 ? 9   C   A O2    1 
ATOM   200 O  O2    B C   A 1 9  ? -4.886  7.950   -0.639  0.50 14.09 ? 9   C   A O2    1 
ATOM   201 N  N3    A C   A 1 9  ? -5.033  7.420   0.191   0.50 10.21 ? 9   C   A N3    1 
ATOM   202 N  N3    B C   A 1 9  ? -2.815  7.795   0.274   0.50 10.85 ? 9   C   A N3    1 
ATOM   203 C  C4    A C   A 1 9  ? -3.724  7.474   0.430   0.50 9.71  ? 9   C   A C4    1 
ATOM   204 C  C4    B C   A 1 9  ? -1.594  8.320   0.400   0.50 11.27 ? 9   C   A C4    1 
ATOM   205 N  N4    A C   A 1 9  ? -3.221  6.620   1.300   0.50 9.74  ? 9   C   A N4    1 
ATOM   206 N  N4    B C   A 1 9  ? -0.701  7.667   1.168   0.50 12.45 ? 9   C   A N4    1 
ATOM   207 C  C5    A C   A 1 9  ? -2.875  8.415   -0.215  0.50 9.86  ? 9   C   A C5    1 
ATOM   208 C  C5    B C   A 1 9  ? -1.227  9.532   -0.256  0.50 12.24 ? 9   C   A C5    1 
ATOM   209 C  C6    A C   A 1 9  ? -3.442  9.266   -1.072  0.50 10.47 ? 9   C   A C6    1 
ATOM   210 C  C6    B C   A 1 9  ? -2.154  10.128  -1.022  0.50 12.31 ? 9   C   A C6    1 
ATOM   211 P  P     . U   A 1 10 ? -5.839  14.195  0.311   1.00 12.45 ? 10  U   A P     1 
ATOM   212 O  OP1   . U   A 1 10 ? -6.572  15.484  0.172   1.00 13.90 ? 10  U   A OP1   1 
ATOM   213 O  OP2   . U   A 1 10 ? -4.517  14.172  0.978   1.00 14.65 ? 10  U   A OP2   1 
ATOM   214 O  "O5'" . U   A 1 10 ? -6.767  13.153  1.080   1.00 11.43 ? 10  U   A "O5'" 1 
ATOM   215 C  "C5'" . U   A 1 10 ? -8.160  13.083  0.822   1.00 11.74 ? 10  U   A "C5'" 1 
ATOM   216 C  "C4'" . U   A 1 10 ? -8.775  11.982  1.645   1.00 10.74 ? 10  U   A "C4'" 1 
ATOM   217 O  "O4'" . U   A 1 10 ? -8.183  10.705  1.270   1.00 10.43 ? 10  U   A "O4'" 1 
ATOM   218 C  "C3'" . U   A 1 10 ? -8.531  12.040  3.144   1.00 9.37  ? 10  U   A "C3'" 1 
ATOM   219 O  "O3'" . U   A 1 10 ? -9.390  12.974  3.786   1.00 10.44 ? 10  U   A "O3'" 1 
ATOM   220 C  "C2'" . U   A 1 10 ? -8.851  10.607  3.530   1.00 10.08 ? 10  U   A "C2'" 1 
ATOM   221 O  "O2'" . U   A 1 10 ? -10.237 10.354  3.441   1.00 10.06 ? 10  U   A "O2'" 1 
ATOM   222 C  "C1'" . U   A 1 10 ? -8.130  9.857   2.412   1.00 9.63  ? 10  U   A "C1'" 1 
ATOM   223 N  N1    . U   A 1 10 ? -6.721  9.589   2.737   1.00 8.20  ? 10  U   A N1    1 
ATOM   224 C  C2    . U   A 1 10 ? -6.462  8.519   3.571   1.00 9.11  ? 10  U   A C2    1 
ATOM   225 O  O2    . U   A 1 10 ? -7.347  7.842   4.058   1.00 11.06 ? 10  U   A O2    1 
ATOM   226 N  N3    . U   A 1 10 ? -5.133  8.282   3.822   1.00 9.16  ? 10  U   A N3    1 
ATOM   227 C  C4    . U   A 1 10 ? -4.059  9.008   3.349   1.00 8.93  ? 10  U   A C4    1 
ATOM   228 O  O4    . U   A 1 10 ? -2.915  8.673   3.664   1.00 10.77 ? 10  U   A O4    1 
ATOM   229 C  C5    . U   A 1 10 ? -4.408  10.116  2.508   1.00 10.15 ? 10  U   A C5    1 
ATOM   230 C  C6    . U   A 1 10 ? -5.696  10.361  2.235   1.00 10.37 ? 10  U   A C6    1 
ATOM   231 P  P     . C   A 1 11 ? -8.904  13.707  5.136   1.00 11.61 ? 11  C   A P     1 
ATOM   232 O  OP1   . C   A 1 11 ? -9.937  14.725  5.473   1.00 12.26 ? 11  C   A OP1   1 
ATOM   233 O  OP2   . C   A 1 11 ? -7.490  14.126  4.975   1.00 12.12 ? 11  C   A OP2   1 
ATOM   234 O  "O5'" . C   A 1 11 ? -8.943  12.568  6.250   1.00 11.70 ? 11  C   A "O5'" 1 
ATOM   235 C  "C5'" . C   A 1 11 ? -10.165 11.933  6.595   1.00 11.10 ? 11  C   A "C5'" 1 
ATOM   236 C  "C4'" . C   A 1 11 ? -9.892  10.677  7.382   1.00 10.97 ? 11  C   A "C4'" 1 
ATOM   237 O  "O4'" . C   A 1 11 ? -8.999  9.831   6.610   1.00 10.30 ? 11  C   A "O4'" 1 
ATOM   238 C  "C3'" . C   A 1 11 ? -9.163  10.852  8.703   1.00 11.25 ? 11  C   A "C3'" 1 
ATOM   239 O  "O3'" . C   A 1 11 ? -10.082 11.193  9.734   1.00 11.72 ? 11  C   A "O3'" 1 
ATOM   240 C  "C2'" . C   A 1 11 ? -8.587  9.460   8.913   1.00 10.62 ? 11  C   A "C2'" 1 
ATOM   241 O  "O2'" . C   A 1 11 ? -9.563  8.532   9.337   1.00 11.74 ? 11  C   A "O2'" 1 
ATOM   242 C  "C1'" . C   A 1 11 ? -8.143  9.120   7.490   1.00 10.36 ? 11  C   A "C1'" 1 
ATOM   243 N  N1    . C   A 1 11 ? -6.749  9.502   7.201   1.00 10.31 ? 11  C   A N1    1 
ATOM   244 C  C2    . C   A 1 11 ? -5.729  8.694   7.698   1.00 10.21 ? 11  C   A C2    1 
ATOM   245 O  O2    . C   A 1 11 ? -6.035  7.710   8.379   1.00 10.73 ? 11  C   A O2    1 
ATOM   246 N  N3    . C   A 1 11 ? -4.443  9.002   7.421   1.00 9.84  ? 11  C   A N3    1 
ATOM   247 C  C4    . C   A 1 11 ? -4.161  10.073  6.676   1.00 10.04 ? 11  C   A C4    1 
ATOM   248 N  N4    . C   A 1 11 ? -2.876  10.324  6.402   1.00 11.19 ? 11  C   A N4    1 
ATOM   249 C  C5    . C   A 1 11 ? -5.183  10.931  6.173   1.00 10.21 ? 11  C   A C5    1 
ATOM   250 C  C6    . C   A 1 11 ? -6.453  10.612  6.458   1.00 10.08 ? 11  C   A C6    1 
ATOM   251 P  P     . C   A 1 12 ? -9.600  12.108  10.962  1.00 11.88 ? 12  C   A P     1 
ATOM   252 O  OP1   . C   A 1 12 ? -10.796 12.357  11.802  1.00 13.75 ? 12  C   A OP1   1 
ATOM   253 O  OP2   . C   A 1 12 ? -8.825  13.255  10.444  1.00 13.41 ? 12  C   A OP2   1 
ATOM   254 O  "O5'" . C   A 1 12 ? -8.605  11.171  11.778  1.00 10.49 ? 12  C   A "O5'" 1 
ATOM   255 C  "C5'" . C   A 1 12 ? -9.089  10.023  12.467  1.00 9.30  ? 12  C   A "C5'" 1 
ATOM   256 C  "C4'" . C   A 1 12 ? -7.952  9.291   13.131  1.00 9.57  ? 12  C   A "C4'" 1 
ATOM   257 O  "O4'" . C   A 1 12 ? -7.044  8.783   12.126  1.00 10.20 ? 12  C   A "O4'" 1 
ATOM   258 C  "C3'" . C   A 1 12 ? -7.051  10.115  14.033  1.00 8.61  ? 12  C   A "C3'" 1 
ATOM   259 O  "O3'" . C   A 1 12 ? -7.611  10.421  15.312  1.00 9.75  ? 12  C   A "O3'" 1 
ATOM   260 C  "C2'" . C   A 1 12 ? -5.809  9.241   14.111  1.00 9.01  ? 12  C   A "C2'" 1 
ATOM   261 O  "O2'" . C   A 1 12 ? -5.978  8.173   15.021  1.00 9.87  ? 12  C   A "O2'" 1 
ATOM   262 C  "C1'" . C   A 1 12 ? -5.743  8.683   12.685  1.00 9.10  ? 12  C   A "C1'" 1 
ATOM   263 N  N1    . C   A 1 12 ? -4.807  9.421   11.825  1.00 9.03  ? 12  C   A N1    1 
ATOM   264 C  C2    . C   A 1 12 ? -3.455  9.094   11.881  1.00 9.60  ? 12  C   A C2    1 
ATOM   265 O  O2    . C   A 1 12 ? -3.084  8.219   12.675  1.00 9.74  ? 12  C   A O2    1 
ATOM   266 N  N3    . C   A 1 12 ? -2.585  9.741   11.075  1.00 8.64  ? 12  C   A N3    1 
ATOM   267 C  C4    . C   A 1 12 ? -3.020  10.693  10.250  1.00 9.18  ? 12  C   A C4    1 
ATOM   268 N  N4    . C   A 1 12 ? -2.120  11.299  9.467   1.00 10.35 ? 12  C   A N4    1 
ATOM   269 C  C5    . C   A 1 12 ? -4.394  11.062  10.186  1.00 9.95  ? 12  C   A C5    1 
ATOM   270 C  C6    . C   A 1 12 ? -5.247  10.403  10.983  1.00 9.98  ? 12  C   A C6    1 
ATOM   271 O  "O5'" . G   B 1 1  ? 7.221   7.553   9.362   1.00 14.85 ? 1   G   B "O5'" 1 
ATOM   272 C  "C5'" . G   B 1 1  ? 7.808   6.736   10.378  1.00 13.23 ? 1   G   B "C5'" 1 
ATOM   273 C  "C4'" . G   B 1 1  ? 6.825   6.350   11.459  1.00 12.86 ? 1   G   B "C4'" 1 
ATOM   274 O  "O4'" . G   B 1 1  ? 6.277   7.543   12.088  1.00 12.57 ? 1   G   B "O4'" 1 
ATOM   275 C  "C3'" . G   B 1 1  ? 5.596   5.585   10.996  1.00 12.57 ? 1   G   B "C3'" 1 
ATOM   276 O  "O3'" . G   B 1 1  ? 5.862   4.202   10.836  1.00 13.26 ? 1   G   B "O3'" 1 
ATOM   277 C  "C2'" . G   B 1 1  ? 4.630   5.849   12.140  1.00 13.03 ? 1   G   B "C2'" 1 
ATOM   278 O  "O2'" . G   B 1 1  ? 4.911   5.075   13.289  1.00 14.94 ? 1   G   B "O2'" 1 
ATOM   279 C  "C1'" . G   B 1 1  ? 4.904   7.331   12.401  1.00 12.30 ? 1   G   B "C1'" 1 
ATOM   280 N  N9    . G   B 1 1  ? 4.099   8.179   11.527  1.00 10.99 ? 1   G   B N9    1 
ATOM   281 C  C8    . G   B 1 1  ? 4.544   8.941   10.476  1.00 11.00 ? 1   G   B C8    1 
ATOM   282 N  N7    . G   B 1 1  ? 3.583   9.574   9.860   1.00 10.00 ? 1   G   B N7    1 
ATOM   283 C  C5    . G   B 1 1  ? 2.432   9.209   10.549  1.00 10.74 ? 1   G   B C5    1 
ATOM   284 C  C6    . G   B 1 1  ? 1.081   9.579   10.339  1.00 9.00  ? 1   G   B C6    1 
ATOM   285 O  O6    . G   B 1 1  ? 0.614   10.321  9.474   1.00 10.58 ? 1   G   B O6    1 
ATOM   286 N  N1    . G   B 1 1  ? 0.237   8.986   11.272  1.00 9.56  ? 1   G   B N1    1 
ATOM   287 C  C2    . G   B 1 1  ? 0.639   8.146   12.275  1.00 9.67  ? 1   G   B C2    1 
ATOM   288 N  N2    . G   B 1 1  ? -0.330  7.675   13.076  1.00 10.83 ? 1   G   B N2    1 
ATOM   289 N  N3    . G   B 1 1  ? 1.897   7.792   12.482  1.00 10.37 ? 1   G   B N3    1 
ATOM   290 C  C4    . G   B 1 1  ? 2.734   8.357   11.587  1.00 10.52 ? 1   G   B C4    1 
ATOM   291 P  P     . G   B 1 2  ? 4.966   3.336   9.822   1.00 15.25 ? 2   G   B P     1 
ATOM   292 O  OP1   . G   B 1 2  ? 5.508   1.953   9.827   1.00 15.62 ? 2   G   B OP1   1 
ATOM   293 O  OP2   . G   B 1 2  ? 4.871   4.081   8.546   1.00 16.43 ? 2   G   B OP2   1 
ATOM   294 O  "O5'" . G   B 1 2  ? 3.527   3.313   10.498  1.00 15.64 ? 2   G   B "O5'" 1 
ATOM   295 C  "C5'" . G   B 1 2  ? 3.292   2.573   11.688  1.00 15.58 ? 2   G   B "C5'" 1 
ATOM   296 C  "C4'" . G   B 1 2  ? 1.821   2.568   12.007  1.00 14.77 ? 2   G   B "C4'" 1 
ATOM   297 O  "O4'" . G   B 1 2  ? 1.378   3.924   12.304  1.00 13.78 ? 2   G   B "O4'" 1 
ATOM   298 C  "C3'" . G   B 1 2  ? 0.901   2.127   10.879  1.00 14.43 ? 2   G   B "C3'" 1 
ATOM   299 O  "O3'" . G   B 1 2  ? 0.861   0.705   10.765  1.00 15.97 ? 2   G   B "O3'" 1 
ATOM   300 C  "C2'" . G   B 1 2  ? -0.418  2.732   11.339  1.00 14.29 ? 2   G   B "C2'" 1 
ATOM   301 O  "O2'" . G   B 1 2  ? -0.986  2.036   12.429  1.00 16.44 ? 2   G   B "O2'" 1 
ATOM   302 C  "C1'" . G   B 1 2  ? 0.057   4.108   11.811  1.00 13.98 ? 2   G   B "C1'" 1 
ATOM   303 N  N9    . G   B 1 2  ? 0.104   5.092   10.736  1.00 13.40 ? 2   G   B N9    1 
ATOM   304 C  C8    . G   B 1 2  ? 1.216   5.535   10.067  1.00 12.42 ? 2   G   B C8    1 
ATOM   305 N  N7    . G   B 1 2  ? 0.946   6.426   9.152   1.00 14.28 ? 2   G   B N7    1 
ATOM   306 C  C5    . G   B 1 2  ? -0.433  6.577   9.220   1.00 11.86 ? 2   G   B C5    1 
ATOM   307 C  C6    . G   B 1 2  ? -1.301  7.413   8.472   1.00 11.32 ? 2   G   B C6    1 
ATOM   308 O  O6    . G   B 1 2  ? -1.011  8.216   7.574   1.00 13.55 ? 2   G   B O6    1 
ATOM   309 N  N1    . G   B 1 2  ? -2.626  7.247   8.861   1.00 12.62 ? 2   G   B N1    1 
ATOM   310 C  C2    . G   B 1 2  ? -3.060  6.392   9.845   1.00 11.63 ? 2   G   B C2    1 
ATOM   311 N  N2    . G   B 1 2  ? -4.379  6.364   10.072  1.00 13.49 ? 2   G   B N2    1 
ATOM   312 N  N3    . G   B 1 2  ? -2.257  5.617   10.554  1.00 14.23 ? 2   G   B N3    1 
ATOM   313 C  C4    . G   B 1 2  ? -0.968  5.760   10.191  1.00 12.28 ? 2   G   B C4    1 
ATOM   314 P  P     . A   B 1 3  ? 0.563   0.021   9.338   1.00 15.77 ? 3   A   B P     1 
ATOM   315 O  OP1   . A   B 1 3  ? 0.779   -1.439  9.504   1.00 18.21 ? 3   A   B OP1   1 
ATOM   316 O  OP2   . A   B 1 3  ? 1.298   0.747   8.278   1.00 17.08 ? 3   A   B OP2   1 
ATOM   317 O  "O5'" . A   B 1 3  ? -0.995  0.262   9.118   1.00 13.12 ? 3   A   B "O5'" 1 
ATOM   318 C  "C5'" . A   B 1 3  ? -1.947  -0.359  9.971   1.00 12.48 ? 3   A   B "C5'" 1 
ATOM   319 C  "C4'" . A   B 1 3  ? -3.337  0.114   9.633   1.00 12.21 ? 3   A   B "C4'" 1 
ATOM   320 O  "O4'" . A   B 1 3  ? -3.455  1.539   9.897   1.00 10.17 ? 3   A   B "O4'" 1 
ATOM   321 C  "C3'" . A   B 1 3  ? -3.756  -0.005  8.179   1.00 10.59 ? 3   A   B "C3'" 1 
ATOM   322 O  "O3'" . A   B 1 3  ? -4.192  -1.325  7.886   1.00 11.71 ? 3   A   B "O3'" 1 
ATOM   323 C  "C2'" . A   B 1 3  ? -4.927  0.956   8.152   1.00 9.66  ? 3   A   B "C2'" 1 
ATOM   324 O  "O2'" . A   B 1 3  ? -6.038  0.405   8.830   1.00 10.98 ? 3   A   B "O2'" 1 
ATOM   325 C  "C1'" . A   B 1 3  ? -4.344  2.123   8.952   1.00 10.23 ? 3   A   B "C1'" 1 
ATOM   326 N  N9    . A   B 1 3  ? -3.576  3.041   8.112   1.00 8.72  ? 3   A   B N9    1 
ATOM   327 C  C8    . A   B 1 3  ? -2.214  3.069   7.946   1.00 10.51 ? 3   A   B C8    1 
ATOM   328 N  N7    . A   B 1 3  ? -1.798  4.009   7.131   1.00 9.36  ? 3   A   B N7    1 
ATOM   329 C  C5    . A   B 1 3  ? -2.965  4.644   6.731   1.00 8.33  ? 3   A   B C5    1 
ATOM   330 C  C6    . A   B 1 3  ? -3.203  5.732   5.869   1.00 8.05  ? 3   A   B C6    1 
ATOM   331 N  N6    . A   B 1 3  ? -2.234  6.397   5.237   1.00 9.68  ? 3   A   B N6    1 
ATOM   332 N  N1    . A   B 1 3  ? -4.486  6.115   5.681   1.00 9.46  ? 3   A   B N1    1 
ATOM   333 C  C2    . A   B 1 3  ? -5.454  5.448   6.320   1.00 10.52 ? 3   A   B C2    1 
ATOM   334 N  N3    . A   B 1 3  ? -5.356  4.414   7.155   1.00 9.32  ? 3   A   B N3    1 
ATOM   335 C  C4    . A   B 1 3  ? -4.070  4.056   7.322   1.00 8.61  ? 3   A   B C4    1 
ATOM   336 P  P     A C   B 1 4  ? -3.989  -1.921  6.409   0.50 11.82 ? 4   C   B P     1 
ATOM   337 P  P     B C   B 1 4  ? -4.195  -1.849  6.365   0.50 14.91 ? 4   C   B P     1 
ATOM   338 O  OP1   A C   B 1 4  ? -4.270  -3.376  6.489   0.50 12.21 ? 4   C   B OP1   1 
ATOM   339 O  OP1   B C   B 1 4  ? -4.718  -3.239  6.393   0.50 17.07 ? 4   C   B OP1   1 
ATOM   340 O  OP2   A C   B 1 4  ? -2.678  -1.458  5.889   0.50 13.88 ? 4   C   B OP2   1 
ATOM   341 O  OP2   B C   B 1 4  ? -2.863  -1.581  5.767   0.50 15.15 ? 4   C   B OP2   1 
ATOM   342 O  "O5'" A C   B 1 4  ? -5.132  -1.222  5.542   0.50 12.10 ? 4   C   B "O5'" 1 
ATOM   343 O  "O5'" B C   B 1 4  ? -5.262  -0.924  5.622   0.50 15.23 ? 4   C   B "O5'" 1 
ATOM   344 C  "C5'" A C   B 1 4  ? -6.510  -1.364  5.885   0.50 11.06 ? 4   C   B "C5'" 1 
ATOM   345 C  "C5'" B C   B 1 4  ? -6.651  -1.015  5.930   0.50 15.04 ? 4   C   B "C5'" 1 
ATOM   346 C  "C4'" A C   B 1 4  ? -7.330  -0.258  5.254   0.50 11.45 ? 4   C   B "C4'" 1 
ATOM   347 C  "C4'" B C   B 1 4  ? -7.444  0.029   5.170   0.50 15.14 ? 4   C   B "C4'" 1 
ATOM   348 O  "O4'" A C   B 1 4  ? -6.845  1.034   5.721   0.50 11.06 ? 4   C   B "O4'" 1 
ATOM   349 O  "O4'" B C   B 1 4  ? -6.945  1.365   5.447   0.50 15.10 ? 4   C   B "O4'" 1 
ATOM   350 C  "C3'" A C   B 1 4  ? -7.283  -0.133  3.736   0.50 11.47 ? 4   C   B "C3'" 1 
ATOM   351 C  "C3'" B C   B 1 4  ? -7.414  0.008   3.650   0.50 14.96 ? 4   C   B "C3'" 1 
ATOM   352 O  "O3'" A C   B 1 4  ? -8.191  -1.025  3.099   0.50 12.48 ? 4   C   B "O3'" 1 
ATOM   353 O  "O3'" B C   B 1 4  ? -8.207  -1.036  3.101   0.50 14.28 ? 4   C   B "O3'" 1 
ATOM   354 C  "C2'" A C   B 1 4  ? -7.713  1.314   3.540   0.50 11.59 ? 4   C   B "C2'" 1 
ATOM   355 C  "C2'" B C   B 1 4  ? -8.025  1.366   3.333   0.50 15.88 ? 4   C   B "C2'" 1 
ATOM   356 O  "O2'" A C   B 1 4  ? -9.098  1.508   3.723   0.50 11.31 ? 4   C   B "O2'" 1 
ATOM   357 O  "O2'" B C   B 1 4  ? -9.429  1.398   3.458   0.50 18.55 ? 4   C   B "O2'" 1 
ATOM   358 C  "C1'" A C   B 1 4  ? -6.962  1.993   4.682   0.50 10.36 ? 4   C   B "C1'" 1 
ATOM   359 C  "C1'" B C   B 1 4  ? -7.401  2.240   4.421   0.50 15.01 ? 4   C   B "C1'" 1 
ATOM   360 N  N1    A C   B 1 4  ? -5.615  2.411   4.285   0.50 9.30  ? 4   C   B N1    1 
ATOM   361 N  N1    B C   B 1 4  ? -6.263  2.993   3.886   0.50 14.85 ? 4   C   B N1    1 
ATOM   362 C  C2    A C   B 1 4  ? -5.470  3.594   3.559   0.50 8.95  ? 4   C   B C2    1 
ATOM   363 C  C2    B C   B 1 4  ? -6.522  4.071   3.038   0.50 14.64 ? 4   C   B C2    1 
ATOM   364 O  O2    A C   B 1 4  ? -6.480  4.235   3.245   0.50 9.50  ? 4   C   B O2    1 
ATOM   365 O  O2    B C   B 1 4  ? -7.700  4.360   2.778   0.50 15.30 ? 4   C   B O2    1 
ATOM   366 N  N3    A C   B 1 4  ? -4.240  4.007   3.217   0.50 8.67  ? 4   C   B N3    1 
ATOM   367 N  N3    B C   B 1 4  ? -5.490  4.768   2.521   0.50 14.98 ? 4   C   B N3    1 
ATOM   368 C  C4    A C   B 1 4  ? -3.180  3.288   3.568   0.50 8.35  ? 4   C   B C4    1 
ATOM   369 C  C4    B C   B 1 4  ? -4.238  4.418   2.816   0.50 14.03 ? 4   C   B C4    1 
ATOM   370 N  N4    A C   B 1 4  ? -2.005  3.746   3.235   0.50 9.57  ? 4   C   B N4    1 
ATOM   371 N  N4    B C   B 1 4  ? -3.253  5.123   2.272   0.50 15.85 ? 4   C   B N4    1 
ATOM   372 C  C5    A C   B 1 4  ? -3.294  2.068   4.287   0.50 8.82  ? 4   C   B C5    1 
ATOM   373 C  C5    B C   B 1 4  ? -3.943  3.326   3.682   0.50 15.44 ? 4   C   B C5    1 
ATOM   374 C  C6    A C   B 1 4  ? -4.520  1.668   4.623   0.50 8.52  ? 4   C   B C6    1 
ATOM   375 C  C6    B C   B 1 4  ? -4.977  2.648   4.193   0.50 13.34 ? 4   C   B C6    1 
ATOM   376 P  P     . U   B 1 5  ? -7.803  -1.679  1.682   1.00 14.03 ? 5   U   B P     1 
ATOM   377 O  OP1   . U   B 1 5  ? -8.835  -2.692  1.347   1.00 15.76 ? 5   U   B OP1   1 
ATOM   378 O  OP2   . U   B 1 5  ? -6.374  -2.076  1.727   1.00 16.39 ? 5   U   B OP2   1 
ATOM   379 O  "O5'" . U   B 1 5  ? -7.926  -0.476  0.646   1.00 13.73 ? 5   U   B "O5'" 1 
ATOM   380 C  "C5'" . U   B 1 5  ? -9.196  0.056   0.295   1.00 12.53 ? 5   U   B "C5'" 1 
ATOM   381 C  "C4'" . U   B 1 5  ? -9.028  1.215   -0.655  1.00 11.88 ? 5   U   B "C4'" 1 
ATOM   382 O  "O4'" . U   B 1 5  ? -8.265  2.270   -0.015  1.00 11.72 ? 5   U   B "O4'" 1 
ATOM   383 C  "C3'" . U   B 1 5  ? -8.248  0.930   -1.927  1.00 11.38 ? 5   U   B "C3'" 1 
ATOM   384 O  "O3'" . U   B 1 5  ? -9.110  0.320   -2.878  1.00 10.86 ? 5   U   B "O3'" 1 
ATOM   385 C  "C2'" . U   B 1 5  ? -7.830  2.334   -2.345  1.00 12.51 ? 5   U   B "C2'" 1 
ATOM   386 O  "O2'" . U   B 1 5  ? -8.882  3.049   -2.954  1.00 13.56 ? 5   U   B "O2'" 1 
ATOM   387 C  "C1'" . U   B 1 5  ? -7.499  2.962   -0.991  1.00 12.12 ? 5   U   B "C1'" 1 
ATOM   388 N  N1    . U   B 1 5  ? -6.078  2.856   -0.629  1.00 12.60 ? 5   U   B N1    1 
ATOM   389 C  C2    . U   B 1 5  ? -5.201  3.743   -1.223  1.00 10.42 ? 5   U   B C2    1 
ATOM   390 O  O2    . U   B 1 5  ? -5.556  4.574   -2.037  1.00 13.29 ? 5   U   B O2    1 
ATOM   391 N  N3    . U   B 1 5  ? -3.893  3.612   -0.830  1.00 13.47 ? 5   U   B N3    1 
ATOM   392 C  C4    . U   B 1 5  ? -3.385  2.703   0.068   1.00 11.93 ? 5   U   B C4    1 
ATOM   393 O  O4    . U   B 1 5  ? -2.185  2.736   0.350   1.00 13.90 ? 5   U   B O4    1 
ATOM   394 C  C5    . U   B 1 5  ? -4.352  1.811   0.627   1.00 12.21 ? 5   U   B C5    1 
ATOM   395 C  C6    . U   B 1 5  ? -5.635  1.917   0.267   1.00 11.50 ? 5   U   B C6    1 
HETATM 396 BR BR    . CBR B 1 6  ? -4.328  -0.101  -2.545  1.00 15.12 ? 6   CBR B BR    1 
HETATM 397 P  P     . CBR B 1 6  ? -8.498  -0.592  -4.050  1.00 10.63 ? 6   CBR B P     1 
HETATM 398 O  OP1   . CBR B 1 6  ? -9.675  -1.216  -4.707  1.00 11.61 ? 6   CBR B OP1   1 
HETATM 399 O  OP2   . CBR B 1 6  ? -7.420  -1.448  -3.504  1.00 11.92 ? 6   CBR B OP2   1 
HETATM 400 O  "O5'" . CBR B 1 6  ? -7.833  0.442   -5.065  1.00 11.29 ? 6   CBR B "O5'" 1 
HETATM 401 N  N1    . CBR B 1 6  ? -4.757  3.021   -5.168  1.00 9.30  ? 6   CBR B N1    1 
HETATM 402 C  C6    . CBR B 1 6  ? -4.986  1.922   -4.392  1.00 10.48 ? 6   CBR B C6    1 
HETATM 403 C  C2    . CBR B 1 6  ? -3.510  3.643   -5.156  1.00 9.57  ? 6   CBR B C2    1 
HETATM 404 O  O2    . CBR B 1 6  ? -3.325  4.617   -5.895  1.00 10.55 ? 6   CBR B O2    1 
HETATM 405 N  N3    . CBR B 1 6  ? -2.534  3.164   -4.347  1.00 10.27 ? 6   CBR B N3    1 
HETATM 406 C  C4    . CBR B 1 6  ? -2.772  2.102   -3.584  1.00 9.20  ? 6   CBR B C4    1 
HETATM 407 N  N4    . CBR B 1 6  ? -1.792  1.666   -2.785  1.00 11.05 ? 6   CBR B N4    1 
HETATM 408 C  C5    . CBR B 1 6  ? -4.028  1.439   -3.601  1.00 10.12 ? 6   CBR B C5    1 
HETATM 409 C  "C2'" . CBR B 1 6  ? -5.737  3.044   -7.455  1.00 12.01 ? 6   CBR B "C2'" 1 
HETATM 410 C  "C5'" . CBR B 1 6  ? -8.637  1.352   -5.811  1.00 12.17 ? 6   CBR B "C5'" 1 
HETATM 411 C  "C4'" . CBR B 1 6  ? -7.771  2.389   -6.486  1.00 12.62 ? 6   CBR B "C4'" 1 
HETATM 412 O  "O4'" . CBR B 1 6  ? -7.078  3.192   -5.505  1.00 12.21 ? 6   CBR B "O4'" 1 
HETATM 413 C  "C1'" . CBR B 1 6  ? -5.805  3.581   -6.033  1.00 11.05 ? 6   CBR B "C1'" 1 
HETATM 414 C  "C3'" . CBR B 1 6  ? -6.651  1.844   -7.356  1.00 12.67 ? 6   CBR B "C3'" 1 
HETATM 415 O  "O3'" . CBR B 1 6  ? -7.124  1.456   -8.638  1.00 13.10 ? 6   CBR B "O3'" 1 
ATOM   416 P  P     . G   B 1 7  ? -6.308  0.359   -9.472  1.00 14.52 ? 7   G   B P     1 
ATOM   417 O  OP1   . G   B 1 7  ? -6.964  0.266   -10.801 1.00 16.44 ? 7   G   B OP1   1 
ATOM   418 O  OP2   . G   B 1 7  ? -6.153  -0.862  -8.645  1.00 15.73 ? 7   G   B OP2   1 
ATOM   419 O  "O5'" . G   B 1 7  ? -4.860  0.999   -9.670  1.00 13.60 ? 7   G   B "O5'" 1 
ATOM   420 C  "C5'" . G   B 1 7  ? -4.644  2.017   -10.639 1.00 13.00 ? 7   G   B "C5'" 1 
ATOM   421 C  "C4'" . G   B 1 7  ? -3.221  2.519   -10.578 1.00 11.98 ? 7   G   B "C4'" 1 
ATOM   422 O  "O4'" . G   B 1 7  ? -2.930  3.094   -9.275  1.00 11.38 ? 7   G   B "O4'" 1 
ATOM   423 C  "C3'" . G   B 1 7  ? -2.103  1.504   -10.721 1.00 11.69 ? 7   G   B "C3'" 1 
ATOM   424 O  "O3'" . G   B 1 7  ? -1.937  1.040   -12.050 1.00 13.67 ? 7   G   B "O3'" 1 
ATOM   425 C  "C2'" . G   B 1 7  ? -0.923  2.340   -10.265 1.00 10.62 ? 7   G   B "C2'" 1 
ATOM   426 O  "O2'" . G   B 1 7  ? -0.550  3.309   -11.226 1.00 12.87 ? 7   G   B "O2'" 1 
ATOM   427 C  "C1'" . G   B 1 7  ? -1.529  3.007   -9.032  1.00 10.87 ? 7   G   B "C1'" 1 
ATOM   428 N  N9    . G   B 1 7  ? -1.290  2.174   -7.859  1.00 9.36  ? 7   G   B N9    1 
ATOM   429 C  C8    . G   B 1 7  ? -2.162  1.333   -7.209  1.00 9.32  ? 7   G   B C8    1 
ATOM   430 N  N7    . G   B 1 7  ? -1.610  0.702   -6.205  1.00 9.63  ? 7   G   B N7    1 
ATOM   431 C  C5    . G   B 1 7  ? -0.299  1.164   -6.189  1.00 8.47  ? 7   G   B C5    1 
ATOM   432 C  C6    . G   B 1 7  ? 0.791   0.839   -5.333  1.00 9.19  ? 7   G   B C6    1 
ATOM   433 O  O6    . G   B 1 7  ? 0.818   0.054   -4.380  1.00 9.03  ? 7   G   B O6    1 
ATOM   434 N  N1    . G   B 1 7  ? 1.945   1.532   -5.693  1.00 8.70  ? 7   G   B N1    1 
ATOM   435 C  C2    . G   B 1 7  ? 2.046   2.411   -6.742  1.00 8.86  ? 7   G   B C2    1 
ATOM   436 N  N2    . G   B 1 7  ? 3.258   2.951   -6.954  1.00 8.38  ? 7   G   B N2    1 
ATOM   437 N  N3    . G   B 1 7  ? 1.040   2.727   -7.532  1.00 9.08  ? 7   G   B N3    1 
ATOM   438 C  C4    . G   B 1 7  ? -0.091  2.072   -7.203  1.00 8.72  ? 7   G   B C4    1 
ATOM   439 P  P     . A   B 1 8  ? -1.268  -0.395  -12.298 1.00 14.60 ? 8   A   B P     1 
ATOM   440 O  OP1   . A   B 1 8  ? -1.237  -0.610  -13.768 1.00 16.02 ? 8   A   B OP1   1 
ATOM   441 O  OP2   . A   B 1 8  ? -1.944  -1.388  -11.426 1.00 16.71 ? 8   A   B OP2   1 
ATOM   442 O  "O5'" . A   B 1 8  ? 0.227   -0.212  -11.780 1.00 12.90 ? 8   A   B "O5'" 1 
ATOM   443 C  "C5'" . A   B 1 8  ? 1.123   0.662   -12.452 1.00 12.92 ? 8   A   B "C5'" 1 
ATOM   444 C  "C4'" . A   B 1 8  ? 2.520   0.479   -11.922 1.00 11.59 ? 8   A   B "C4'" 1 
ATOM   445 O  "O4'" . A   B 1 8  ? 2.619   0.947   -10.549 1.00 12.77 ? 8   A   B "O4'" 1 
ATOM   446 C  "C3'" . A   B 1 8  ? 2.981   -0.956  -11.807 1.00 12.74 ? 8   A   B "C3'" 1 
ATOM   447 O  "O3'" . A   B 1 8  ? 3.261   -1.521  -13.079 1.00 12.80 ? 8   A   B "O3'" 1 
ATOM   448 C  "C2'" . A   B 1 8  ? 4.183   -0.799  -10.890 1.00 12.66 ? 8   A   B "C2'" 1 
ATOM   449 O  "O2'" . A   B 1 8  ? 5.318   -0.258  -11.538 1.00 15.19 ? 8   A   B "O2'" 1 
ATOM   450 C  "C1'" . A   B 1 8  ? 3.630   0.207   -9.875  1.00 13.35 ? 8   A   B "C1'" 1 
ATOM   451 N  N9    . A   B 1 8  ? 3.022   -0.460  -8.725  1.00 11.95 ? 8   A   B N9    1 
ATOM   452 C  C8    . A   B 1 8  ? 1.712   -0.822  -8.544  1.00 12.35 ? 8   A   B C8    1 
ATOM   453 N  N7    . A   B 1 8  ? 1.487   -1.445  -7.412  1.00 11.55 ? 8   A   B N7    1 
ATOM   454 C  C5    . A   B 1 8  ? 2.733   -1.486  -6.802  1.00 11.85 ? 8   A   B C5    1 
ATOM   455 C  C6    . A   B 1 8  ? 3.171   -2.016  -5.575  1.00 12.35 ? 8   A   B C6    1 
ATOM   456 N  N6    . A   B 1 8  ? 2.372   -2.643  -4.712  1.00 12.02 ? 8   A   B N6    1 
ATOM   457 N  N1    . A   B 1 8  ? 4.478   -1.882  -5.264  1.00 12.34 ? 8   A   B N1    1 
ATOM   458 C  C2    . A   B 1 8  ? 5.285   -1.265  -6.137  1.00 14.08 ? 8   A   B C2    1 
ATOM   459 N  N3    . A   B 1 8  ? 4.993   -0.733  -7.322  1.00 13.03 ? 8   A   B N3    1 
ATOM   460 C  C4    . A   B 1 8  ? 3.686   -0.876  -7.597  1.00 11.88 ? 8   A   B C4    1 
ATOM   461 P  P     . C   B 1 9  ? 3.377   -3.111  -13.222 1.00 13.40 ? 9   C   B P     1 
ATOM   462 O  OP1   . C   B 1 9  ? 3.511   -3.419  -14.670 1.00 14.38 ? 9   C   B OP1   1 
ATOM   463 O  OP2   . C   B 1 9  ? 2.307   -3.768  -12.427 1.00 15.08 ? 9   C   B OP2   1 
ATOM   464 O  "O5'" . C   B 1 9  ? 4.774   -3.374  -12.524 1.00 13.30 ? 9   C   B "O5'" 1 
ATOM   465 C  "C5'" . C   B 1 9  ? 5.077   -4.601  -11.897 1.00 14.65 ? 9   C   B "C5'" 1 
ATOM   466 C  "C4'" . C   B 1 9  ? 6.338   -4.442  -11.097 1.00 15.17 ? 9   C   B "C4'" 1 
ATOM   467 O  "O4'" . C   B 1 9  ? 6.097   -3.623  -9.920  1.00 14.29 ? 9   C   B "O4'" 1 
ATOM   468 C  "C3'" . C   B 1 9  ? 6.916   -5.707  -10.509 1.00 15.72 ? 9   C   B "C3'" 1 
ATOM   469 O  "O3'" . C   B 1 9  ? 7.581   -6.439  -11.531 1.00 17.08 ? 9   C   B "O3'" 1 
ATOM   470 C  "C2'" . C   B 1 9  ? 7.870   -5.130  -9.473  1.00 15.88 ? 9   C   B "C2'" 1 
ATOM   471 O  "O2'" . C   B 1 9  ? 9.049   -4.608  -10.050 1.00 18.81 ? 9   C   B "O2'" 1 
ATOM   472 C  "C1'" . C   B 1 9  ? 7.026   -3.984  -8.905  1.00 14.59 ? 9   C   B "C1'" 1 
ATOM   473 N  N1    . C   B 1 9  ? 6.284   -4.372  -7.690  1.00 13.04 ? 9   C   B N1    1 
ATOM   474 C  C2    . C   B 1 9  ? 6.998   -4.507  -6.495  1.00 13.28 ? 9   C   B C2    1 
ATOM   475 O  O2    . C   B 1 9  ? 8.213   -4.267  -6.495  1.00 15.84 ? 9   C   B O2    1 
ATOM   476 N  N3    . C   B 1 9  ? 6.346   -4.890  -5.373  1.00 13.26 ? 9   C   B N3    1 
ATOM   477 C  C4    . C   B 1 9  ? 5.037   -5.136  -5.412  1.00 12.23 ? 9   C   B C4    1 
ATOM   478 N  N4    . C   B 1 9  ? 4.444   -5.534  -4.282  1.00 11.98 ? 9   C   B N4    1 
ATOM   479 C  C5    . C   B 1 9  ? 4.278   -4.990  -6.614  1.00 12.53 ? 9   C   B C5    1 
ATOM   480 C  C6    . C   B 1 9  ? 4.938   -4.608  -7.719  1.00 12.44 ? 9   C   B C6    1 
ATOM   481 P  P     . U   B 1 10 ? 7.484   -8.043  -11.550 1.00 17.51 ? 10  U   B P     1 
ATOM   482 O  OP1   . U   B 1 10 ? 8.151   -8.502  -12.796 1.00 18.82 ? 10  U   B OP1   1 
ATOM   483 O  OP2   . U   B 1 10 ? 6.079   -8.440  -11.282 1.00 20.33 ? 10  U   B OP2   1 
ATOM   484 O  "O5'" . U   B 1 10 ? 8.368   -8.482  -10.301 1.00 18.69 ? 10  U   B "O5'" 1 
ATOM   485 C  "C5'" . U   B 1 10 ? 9.737   -8.102  -10.202 1.00 16.81 ? 10  U   B "C5'" 1 
ATOM   486 C  "C4'" . U   B 1 10 ? 10.260  -8.378  -8.812  1.00 17.23 ? 10  U   B "C4'" 1 
ATOM   487 O  "O4'" . U   B 1 10 ? 9.627   -7.493  -7.848  1.00 16.94 ? 10  U   B "O4'" 1 
ATOM   488 C  "C3'" . U   B 1 10 ? 9.980   -9.766  -8.263  1.00 16.58 ? 10  U   B "C3'" 1 
ATOM   489 O  "O3'" . U   B 1 10 ? 10.906  -10.719 -8.762  1.00 17.02 ? 10  U   B "O3'" 1 
ATOM   490 C  "C2'" . U   B 1 10 ? 10.138  -9.538  -6.767  1.00 16.38 ? 10  U   B "C2'" 1 
ATOM   491 O  "O2'" . U   B 1 10 ? 11.489  -9.460  -6.361  1.00 17.73 ? 10  U   B "O2'" 1 
ATOM   492 C  "C1'" . U   B 1 10 ? 9.463   -8.174  -6.610  1.00 16.16 ? 10  U   B "C1'" 1 
ATOM   493 N  N1    . U   B 1 10 ? 8.023   -8.281  -6.336  1.00 14.45 ? 10  U   B N1    1 
ATOM   494 C  C2    . U   B 1 10 ? 7.631   -8.607  -5.050  1.00 13.90 ? 10  U   B C2    1 
ATOM   495 O  O2    . U   B 1 10 ? 8.421   -8.824  -4.149  1.00 13.71 ? 10  U   B O2    1 
ATOM   496 N  N3    . U   B 1 10 ? 6.274   -8.677  -4.861  1.00 11.15 ? 10  U   B N3    1 
ATOM   497 C  C4    . U   B 1 10 ? 5.292   -8.464  -5.809  1.00 12.04 ? 10  U   B C4    1 
ATOM   498 O  O4    . U   B 1 10 ? 4.110   -8.529  -5.480  1.00 12.16 ? 10  U   B O4    1 
ATOM   499 C  C5    . U   B 1 10 ? 5.781   -8.144  -7.114  1.00 12.07 ? 10  U   B C5    1 
ATOM   500 C  C6    . U   B 1 10 ? 7.096   -8.063  -7.326  1.00 13.75 ? 10  U   B C6    1 
ATOM   501 P  P     . C   B 1 11 ? 10.397  -12.194 -9.137  1.00 17.32 ? 11  C   B P     1 
ATOM   502 O  OP1   . C   B 1 11 ? 11.538  -12.903 -9.772  1.00 17.79 ? 11  C   B OP1   1 
ATOM   503 O  OP2   . C   B 1 11 ? 9.108   -12.091 -9.858  1.00 18.88 ? 11  C   B OP2   1 
ATOM   504 O  "O5'" . C   B 1 11 ? 10.111  -12.868 -7.723  1.00 15.43 ? 11  C   B "O5'" 1 
ATOM   505 C  "C5'" . C   B 1 11 ? 11.153  -13.002 -6.768  1.00 14.85 ? 11  C   B "C5'" 1 
ATOM   506 C  "C4'" . C   B 1 11 ? 10.577  -13.268 -5.401  1.00 13.67 ? 11  C   B "C4'" 1 
ATOM   507 O  "O4'" . C   B 1 11 ? 9.701   -12.176 -5.022  1.00 12.33 ? 11  C   B "O4'" 1 
ATOM   508 C  "C3'" . C   B 1 11 ? 9.688   -14.491 -5.255  1.00 12.79 ? 11  C   B "C3'" 1 
ATOM   509 O  "O3'" . C   B 1 11 ? 10.481  -15.662 -5.116  1.00 14.47 ? 11  C   B "O3'" 1 
ATOM   510 C  "C2'" . C   B 1 11 ? 8.954   -14.157 -3.965  1.00 12.48 ? 11  C   B "C2'" 1 
ATOM   511 O  "O2'" . C   B 1 11 ? 9.774   -14.345 -2.831  1.00 14.45 ? 11  C   B "O2'" 1 
ATOM   512 C  "C1'" . C   B 1 11 ? 8.685   -12.665 -4.161  1.00 12.13 ? 11  C   B "C1'" 1 
ATOM   513 N  N1    . C   B 1 11 ? 7.372   -12.380 -4.765  1.00 11.12 ? 11  C   B N1    1 
ATOM   514 C  C2    . C   B 1 11 ? 6.247   -12.428 -3.942  1.00 11.63 ? 11  C   B C2    1 
ATOM   515 O  O2    . C   B 1 11 ? 6.395   -12.724 -2.751  1.00 11.91 ? 11  C   B O2    1 
ATOM   516 N  N3    . C   B 1 11 ? 5.031   -12.155 -4.464  1.00 10.47 ? 11  C   B N3    1 
ATOM   517 C  C4    . C   B 1 11 ? 4.915   -11.849 -5.756  1.00 10.83 ? 11  C   B C4    1 
ATOM   518 N  N4    . C   B 1 11 ? 3.694   -11.582 -6.227  1.00 12.42 ? 11  C   B N4    1 
ATOM   519 C  C5    . C   B 1 11 ? 6.046   -11.804 -6.625  1.00 10.73 ? 11  C   B C5    1 
ATOM   520 C  C6    . C   B 1 11 ? 7.246   -12.072 -6.091  1.00 12.02 ? 11  C   B C6    1 
ATOM   521 P  P     . C   B 1 12 ? 9.869   -17.092 -5.527  1.00 14.14 ? 12  C   B P     1 
ATOM   522 O  OP1   . C   B 1 12 ? 10.970  -18.085 -5.424  1.00 16.95 ? 12  C   B OP1   1 
ATOM   523 O  OP2   . C   B 1 12 ? 9.138   -16.944 -6.807  1.00 16.61 ? 12  C   B OP2   1 
ATOM   524 O  "O5'" . C   B 1 12 ? 8.800   -17.403 -4.384  1.00 12.14 ? 12  C   B "O5'" 1 
ATOM   525 C  "C5'" . C   B 1 12 ? 9.209   -17.790 -3.074  1.00 11.82 ? 12  C   B "C5'" 1 
ATOM   526 C  "C4'" . C   B 1 12 ? 8.004   -18.153 -2.239  1.00 11.46 ? 12  C   B "C4'" 1 
ATOM   527 O  "O4'" . C   B 1 12 ? 7.165   -16.987 -2.044  1.00 10.87 ? 12  C   B "O4'" 1 
ATOM   528 C  "C3'" . C   B 1 12 ? 7.050   -19.165 -2.853  1.00 11.86 ? 12  C   B "C3'" 1 
ATOM   529 O  "O3'" . C   B 1 12 ? 7.528   -20.511 -2.850  1.00 11.96 ? 12  C   B "O3'" 1 
ATOM   530 C  "C2'" . C   B 1 12 ? 5.778   -18.920 -2.053  1.00 11.71 ? 12  C   B "C2'" 1 
ATOM   531 O  "O2'" . C   B 1 12 ? 5.834   -19.530 -0.782  1.00 12.57 ? 12  C   B "O2'" 1 
ATOM   532 C  "C1'" . C   B 1 12 ? 5.813   -17.397 -1.893  1.00 10.46 ? 12  C   B "C1'" 1 
ATOM   533 N  N1    . C   B 1 12 ? 4.998   -16.690 -2.893  1.00 9.93  ? 12  C   B N1    1 
ATOM   534 C  C2    . C   B 1 12 ? 3.633   -16.503 -2.642  1.00 9.93  ? 12  C   B C2    1 
ATOM   535 O  O2    . C   B 1 12 ? 3.145   -16.950 -1.595  1.00 10.78 ? 12  C   B O2    1 
ATOM   536 N  N3    . C   B 1 12 ? 2.879   -15.840 -3.546  1.00 9.02  ? 12  C   B N3    1 
ATOM   537 C  C4    . C   B 1 12 ? 3.435   -15.378 -4.667  1.00 9.64  ? 12  C   B C4    1 
ATOM   538 N  N4    . C   B 1 12 ? 2.653   -14.720 -5.523  1.00 9.50  ? 12  C   B N4    1 
ATOM   539 C  C5    . C   B 1 12 ? 4.819   -15.569 -4.958  1.00 9.61  ? 12  C   B C5    1 
ATOM   540 C  C6    . C   B 1 12 ? 5.557   -16.222 -4.051  1.00 10.21 ? 12  C   B C6    1 
HETATM 541 O  O     . HOH C 2 .  ? -0.607  6.540   2.372   0.50 12.44 ? 101 HOH A O     1 
HETATM 542 O  O     . HOH C 2 .  ? -6.689  6.979   0.953   0.50 18.53 ? 102 HOH A O     1 
HETATM 543 O  O     . HOH C 2 .  ? -5.617  -10.469 -2.506  0.50 17.72 ? 103 HOH A O     1 
HETATM 544 O  O     . HOH C 2 .  ? 4.140   -3.450  2.444   1.00 34.76 ? 104 HOH A O     1 
HETATM 545 O  O     . HOH C 2 .  ? -6.401  13.465  9.600   1.00 20.62 ? 105 HOH A O     1 
HETATM 546 O  O     . HOH C 2 .  ? -8.923  9.527   -1.695  1.00 16.82 ? 106 HOH A O     1 
HETATM 547 O  O     . HOH C 2 .  ? -7.811  13.789  -3.549  1.00 26.18 ? 107 HOH A O     1 
HETATM 548 O  O     . HOH C 2 .  ? -7.832  -11.986 -5.312  1.00 25.11 ? 108 HOH A O     1 
HETATM 549 O  O     . HOH C 2 .  ? 8.033   -5.137  -3.278  1.00 19.13 ? 109 HOH A O     1 
HETATM 550 O  O     . HOH C 2 .  ? 4.875   7.697   -0.747  1.00 30.99 ? 110 HOH A O     1 
HETATM 551 O  O     . HOH C 2 .  ? -8.077  6.287   9.269   1.00 18.13 ? 111 HOH A O     1 
HETATM 552 O  O     . HOH C 2 .  ? -6.905  -10.194 -1.763  0.50 23.08 ? 112 HOH A O     1 
HETATM 553 O  O     . HOH C 2 .  ? -2.902  -7.941  2.914   1.00 30.94 ? 113 HOH A O     1 
HETATM 554 O  O     . HOH C 2 .  ? -10.751 7.760   3.700   1.00 12.86 ? 114 HOH A O     1 
HETATM 555 O  O     . HOH C 2 .  ? 7.042   3.800   -7.092  1.00 16.56 ? 115 HOH A O     1 
HETATM 556 O  O     . HOH C 2 .  ? -6.469  7.078   -3.289  1.00 30.46 ? 116 HOH A O     1 
HETATM 557 O  O     . HOH C 2 .  ? -8.976  12.686  15.656  1.00 27.94 ? 117 HOH A O     1 
HETATM 558 O  O     . HOH C 2 .  ? 5.670   -9.042  8.757   1.00 36.82 ? 118 HOH A O     1 
HETATM 559 O  O     . HOH C 2 .  ? -4.815  -9.573  4.217   0.50 25.70 ? 119 HOH A O     1 
HETATM 560 O  O     . HOH C 2 .  ? -3.394  8.678   -5.572  1.00 27.79 ? 120 HOH A O     1 
HETATM 561 O  O     . HOH C 2 .  ? 3.760   3.747   -0.522  0.33 11.21 ? 121 HOH A O     1 
HETATM 562 O  O     . HOH C 2 .  ? 4.913   -4.676  7.766   1.00 42.50 ? 122 HOH A O     1 
HETATM 563 O  O     . HOH C 2 .  ? -7.593  -9.091  2.126   1.00 22.44 ? 123 HOH A O     1 
HETATM 564 O  O     . HOH C 2 .  ? 9.386   10.429  -2.760  0.50 17.57 ? 124 HOH A O     1 
HETATM 565 O  O     . HOH C 2 .  ? -12.105 14.734  3.797   1.00 26.32 ? 125 HOH A O     1 
HETATM 566 O  O     . HOH C 2 .  ? -3.045  -12.617 -6.536  1.00 22.75 ? 126 HOH A O     1 
HETATM 567 O  O     . HOH C 2 .  ? 2.960   -14.954 1.677   1.00 14.98 ? 127 HOH A O     1 
HETATM 568 O  O     . HOH C 2 .  ? 2.256   11.125  -0.881  1.00 30.33 ? 128 HOH A O     1 
HETATM 569 O  O     . HOH C 2 .  ? 3.096   -4.759  4.011   1.00 38.97 ? 129 HOH A O     1 
HETATM 570 O  O     . HOH C 2 .  ? -7.678  16.495  3.574   1.00 26.79 ? 130 HOH A O     1 
HETATM 571 O  O     . HOH C 2 .  ? -5.900  14.686  7.174   1.00 21.95 ? 131 HOH A O     1 
HETATM 572 O  O     . HOH C 2 .  ? -0.272  -9.551  0.348   1.00 20.53 ? 132 HOH A O     1 
HETATM 573 O  O     . HOH C 2 .  ? -3.331  -9.841  6.237   1.00 34.07 ? 133 HOH A O     1 
HETATM 574 O  O     . HOH C 2 .  ? 5.978   -0.354  2.975   1.00 34.08 ? 134 HOH A O     1 
HETATM 575 O  O     . HOH C 2 .  ? -9.680  15.256  8.719   1.00 27.39 ? 135 HOH A O     1 
HETATM 576 O  O     . HOH C 2 .  ? -7.592  15.787  -2.394  1.00 32.29 ? 136 HOH A O     1 
HETATM 577 O  O     . HOH C 2 .  ? 1.636   2.396   -0.269  1.00 25.46 ? 137 HOH A O     1 
HETATM 578 O  O     . HOH C 2 .  ? -12.567 11.770  3.980   1.00 18.32 ? 138 HOH A O     1 
HETATM 579 O  O     . HOH C 2 .  ? -2.467  15.991  0.515   1.00 34.64 ? 139 HOH A O     1 
HETATM 580 O  O     . HOH C 2 .  ? -12.899 13.401  10.307  1.00 31.72 ? 140 HOH A O     1 
HETATM 581 O  O     . HOH C 2 .  ? 1.478   -3.252  -0.127  1.00 27.01 ? 141 HOH A O     1 
HETATM 582 O  O     . HOH C 2 .  ? -2.747  -9.037  -0.649  0.50 13.26 ? 142 HOH A O     1 
HETATM 583 O  O     . HOH C 2 .  ? -2.509  -9.686  0.774   0.50 23.46 ? 143 HOH A O     1 
HETATM 584 O  O     . HOH C 2 .  ? 0.391   -15.317 5.566   1.00 25.87 ? 144 HOH A O     1 
HETATM 585 O  O     . HOH C 2 .  ? -2.279  12.581  1.520   1.00 23.14 ? 145 HOH A O     1 
HETATM 586 O  O     . HOH C 2 .  ? -0.073  -9.729  -5.830  1.00 42.64 ? 146 HOH A O     1 
HETATM 587 O  O     . HOH C 2 .  ? -2.406  -10.735 -3.997  1.00 23.86 ? 147 HOH A O     1 
HETATM 588 O  O     . HOH C 2 .  ? 0.946   -7.297  3.070   1.00 18.51 ? 148 HOH A O     1 
HETATM 589 O  O     . HOH C 2 .  ? -12.233 8.809   10.220  1.00 15.79 ? 149 HOH A O     1 
HETATM 590 O  O     . HOH C 2 .  ? -0.394  9.952   3.703   1.00 32.89 ? 150 HOH A O     1 
HETATM 591 O  O     . HOH C 2 .  ? -2.879  7.491   15.403  1.00 16.81 ? 151 HOH A O     1 
HETATM 592 O  O     . HOH C 2 .  ? -4.891  13.739  3.920   1.00 15.66 ? 152 HOH A O     1 
HETATM 593 O  O     . HOH C 2 .  ? -3.247  -16.961 2.531   1.00 22.73 ? 153 HOH A O     1 
HETATM 594 O  O     . HOH C 2 .  ? 5.641   11.141  -7.771  1.00 23.60 ? 154 HOH A O     1 
HETATM 595 O  O     . HOH C 2 .  ? -1.234  13.494  -6.889  1.00 34.01 ? 155 HOH A O     1 
HETATM 596 O  O     . HOH C 2 .  ? 5.156   4.254   -0.477  0.33 11.35 ? 156 HOH A O     1 
HETATM 597 O  O     . HOH C 2 .  ? 2.435   5.996   0.128   1.00 25.66 ? 157 HOH A O     1 
HETATM 598 O  O     . HOH C 2 .  ? -2.457  12.770  4.883   1.00 21.59 ? 158 HOH A O     1 
HETATM 599 O  O     . HOH C 2 .  ? -2.723  -18.628 -0.254  1.00 20.99 ? 159 HOH A O     1 
HETATM 600 O  O     . HOH C 2 .  ? -0.260  7.380   -8.636  1.00 23.06 ? 160 HOH A O     1 
HETATM 601 O  O     . HOH C 2 .  ? -0.468  -17.754 1.580   1.00 25.48 ? 161 HOH A O     1 
HETATM 602 O  O     . HOH C 2 .  ? 11.537  6.963   -0.946  1.00 28.72 ? 162 HOH A O     1 
HETATM 603 O  O     . HOH C 2 .  ? 0.678   -7.907  6.969   1.00 31.41 ? 163 HOH A O     1 
HETATM 604 O  O     . HOH C 2 .  ? 6.089   4.053   0.776   0.33 19.72 ? 164 HOH A O     1 
HETATM 605 O  O     . HOH C 2 .  ? -3.149  13.542  7.862   1.00 25.12 ? 165 HOH A O     1 
HETATM 606 O  O     . HOH C 2 .  ? 0.150   -6.410  0.391   1.00 19.82 ? 166 HOH A O     1 
HETATM 607 O  O     . HOH C 2 .  ? -0.079  -12.231 -6.970  1.00 32.21 ? 167 HOH A O     1 
HETATM 608 O  O     . HOH C 2 .  ? 0.318   -8.505  -3.303  1.00 22.39 ? 168 HOH A O     1 
HETATM 609 O  O     . HOH C 2 .  ? 1.352   -0.583  -0.029  1.00 22.52 ? 169 HOH A O     1 
HETATM 610 O  O     . HOH C 2 .  ? 12.732  0.662   1.117   1.00 34.79 ? 170 HOH A O     1 
HETATM 611 O  O     . HOH C 2 .  ? 7.188   -3.751  7.806   1.00 27.92 ? 171 HOH A O     1 
HETATM 612 O  O     . HOH C 2 .  ? 10.884  -5.062  5.115   1.00 27.74 ? 172 HOH A O     1 
HETATM 613 O  O     . HOH C 2 .  ? -1.402  -12.464 7.557   1.00 24.88 ? 173 HOH A O     1 
HETATM 614 O  O     . HOH C 2 .  ? -9.089  16.629  1.522   1.00 25.87 ? 174 HOH A O     1 
HETATM 615 O  O     . HOH C 2 .  ? 7.749   12.758  -1.964  1.00 38.05 ? 175 HOH A O     1 
HETATM 616 O  O     . HOH C 2 .  ? 10.108  0.196   5.311   1.00 24.99 ? 176 HOH A O     1 
HETATM 617 O  O     . HOH C 2 .  ? -8.086  14.826  13.234  1.00 37.78 ? 177 HOH A O     1 
HETATM 618 O  O     . HOH C 2 .  ? 2.138   9.280   0.678   1.00 38.49 ? 178 HOH A O     1 
HETATM 619 O  O     . HOH C 2 .  ? -0.186  12.688  6.912   1.00 35.13 ? 179 HOH A O     1 
HETATM 620 O  O     . HOH C 2 .  ? 0.147   -19.981 0.509   1.00 34.50 ? 180 HOH A O     1 
HETATM 621 O  O     . HOH C 2 .  ? 1.927   5.218   2.222   1.00 35.11 ? 181 HOH A O     1 
HETATM 622 O  O     . HOH C 2 .  ? -6.061  8.379   -5.172  1.00 32.05 ? 182 HOH A O     1 
HETATM 623 O  O     . HOH C 2 .  ? 12.590  5.154   -2.677  1.00 34.24 ? 183 HOH A O     1 
HETATM 624 O  O     . HOH C 2 .  ? -13.933 10.803  9.543   1.00 27.78 ? 184 HOH A O     1 
HETATM 625 O  O     . HOH C 2 .  ? 11.999  -4.655  -1.939  1.00 42.06 ? 185 HOH A O     1 
HETATM 626 O  O     . HOH C 2 .  ? -1.170  -5.879  4.732   1.00 44.17 ? 186 HOH A O     1 
HETATM 627 O  O     . HOH C 2 .  ? -2.366  15.515  9.554   1.00 29.52 ? 187 HOH A O     1 
HETATM 628 O  O     . HOH C 2 .  ? 10.315  -10.361 -0.003  0.50 24.99 ? 188 HOH A O     1 
HETATM 629 O  O     . HOH C 2 .  ? -6.412  -6.865  0.627   1.00 35.57 ? 189 HOH A O     1 
HETATM 630 O  O     . HOH C 2 .  ? -13.621 10.829  6.411   1.00 31.36 ? 190 HOH A O     1 
HETATM 631 O  O     . HOH C 2 .  ? 1.069   11.260  -9.761  1.00 41.75 ? 191 HOH A O     1 
HETATM 632 O  O     . HOH C 2 .  ? -6.635  18.176  7.005   1.00 37.48 ? 192 HOH A O     1 
HETATM 633 O  O     . HOH D 2 .  ? -0.629  4.975   2.664   0.50 20.06 ? 101 HOH B O     1 
HETATM 634 O  O     . HOH D 2 .  ? -11.284 0.121   3.209   1.00 18.29 ? 102 HOH B O     1 
HETATM 635 O  O     . HOH D 2 .  ? -7.066  5.801   1.139   0.50 9.13  ? 103 HOH B O     1 
HETATM 636 O  O     . HOH D 2 .  ? -8.625  5.462   4.672   1.00 18.32 ? 104 HOH B O     1 
HETATM 637 O  O     . HOH D 2 .  ? 1.669   12.246  8.377   1.00 42.10 ? 105 HOH B O     1 
HETATM 638 O  O     . HOH D 2 .  ? -11.109 2.467   -3.997  1.00 22.09 ? 106 HOH B O     1 
HETATM 639 O  O     . HOH D 2 .  ? 3.116   -2.456  9.570   1.00 29.29 ? 107 HOH B O     1 
HETATM 640 O  O     . HOH D 2 .  ? 7.075   -15.531 -7.489  1.00 24.23 ? 108 HOH B O     1 
HETATM 641 O  O     . HOH D 2 .  ? 0.149   0.006   13.588  1.00 27.29 ? 109 HOH B O     1 
HETATM 642 O  O     . HOH D 2 .  ? 6.850   5.462   7.517   1.00 21.72 ? 110 HOH B O     1 
HETATM 643 O  O     . HOH D 2 .  ? -0.947  5.889   -10.815 1.00 21.62 ? 111 HOH B O     1 
HETATM 644 O  O     . HOH D 2 .  ? 2.075   -8.268  -7.147  1.00 23.38 ? 112 HOH B O     1 
HETATM 645 O  O     . HOH D 2 .  ? 0.281   1.321   5.892   1.00 30.53 ? 113 HOH B O     1 
HETATM 646 O  O     . HOH D 2 .  ? 8.225   -13.498 -0.842  1.00 18.79 ? 114 HOH B O     1 
HETATM 647 O  O     . HOH D 2 .  ? 6.723   -10.875 -9.816  1.00 25.18 ? 115 HOH B O     1 
HETATM 648 O  O     . HOH D 2 .  ? -0.799  -1.761  -3.244  1.00 20.31 ? 116 HOH B O     1 
HETATM 649 O  O     . HOH D 2 .  ? -11.310 -2.721  2.395   1.00 30.83 ? 117 HOH B O     1 
HETATM 650 O  O     . HOH D 2 .  ? 2.779   5.809   14.770  1.00 33.14 ? 118 HOH B O     1 
HETATM 651 O  O     . HOH D 2 .  ? 7.639   -19.167 -7.176  1.00 18.86 ? 119 HOH B O     1 
HETATM 652 O  O     . HOH D 2 .  ? 7.320   -14.119 -9.706  1.00 33.24 ? 120 HOH B O     1 
HETATM 653 O  O     . HOH D 2 .  ? 3.560   -1.313  -16.380 1.00 14.55 ? 121 HOH B O     1 
HETATM 654 O  O     . HOH D 2 .  ? -0.991  0.839   1.889   1.00 32.99 ? 122 HOH B O     1 
HETATM 655 O  O     . HOH D 2 .  ? -12.028 -1.331  -3.336  1.00 18.31 ? 123 HOH B O     1 
HETATM 656 O  O     . HOH D 2 .  ? 4.125   11.456  7.947   1.00 28.04 ? 124 HOH B O     1 
HETATM 657 O  O     . HOH D 2 .  ? -2.624  -1.626  -5.172  1.00 15.81 ? 125 HOH B O     1 
HETATM 658 O  O     . HOH D 2 .  ? 7.101   -0.154  -8.989  0.50 17.35 ? 126 HOH B O     1 
HETATM 659 O  O     . HOH D 2 .  ? -8.188  -2.695  -8.386  1.00 17.89 ? 127 HOH B O     1 
HETATM 660 O  O     . HOH D 2 .  ? -0.797  -2.927  -6.969  1.00 21.00 ? 128 HOH B O     1 
HETATM 661 O  O     . HOH D 2 .  ? -4.784  -2.024  -0.536  1.00 38.09 ? 129 HOH B O     1 
HETATM 662 O  O     . HOH D 2 .  ? -7.738  2.590   -12.094 1.00 21.49 ? 130 HOH B O     1 
HETATM 663 O  O     . HOH D 2 .  ? 13.911  -9.510  -7.709  1.00 60.77 ? 131 HOH B O     1 
HETATM 664 O  O     . HOH D 2 .  ? 9.432   -8.119  -1.663  1.00 27.60 ? 132 HOH B O     1 
HETATM 665 O  O     . HOH D 2 .  ? 11.839  -9.535  -3.603  1.00 37.56 ? 133 HOH B O     1 
HETATM 666 O  O     . HOH D 2 .  ? 8.286   9.830   8.170   1.00 24.52 ? 134 HOH B O     1 
HETATM 667 O  O     . HOH D 2 .  ? 2.280   -4.186  -9.664  1.00 20.79 ? 135 HOH B O     1 
HETATM 668 O  O     . HOH D 2 .  ? -3.992  6.052   -8.200  1.00 22.57 ? 136 HOH B O     1 
HETATM 669 O  O     . HOH D 2 .  ? -5.188  -4.564  2.290   1.00 36.89 ? 137 HOH B O     1 
HETATM 670 O  O     . HOH D 2 .  ? -8.374  -1.906  -11.903 1.00 33.18 ? 138 HOH B O     1 
HETATM 671 O  O     . HOH D 2 .  ? 2.833   -19.357 -0.166  1.00 21.01 ? 139 HOH B O     1 
HETATM 672 O  O     . HOH D 2 .  ? 3.200   -10.753 -8.890  1.00 23.79 ? 140 HOH B O     1 
HETATM 673 O  O     . HOH D 2 .  ? 13.458  -19.061 -4.480  1.00 31.33 ? 141 HOH B O     1 
HETATM 674 O  O     . HOH D 2 .  ? -8.180  -3.709  -1.967  1.00 36.61 ? 142 HOH B O     1 
HETATM 675 O  O     . HOH D 2 .  ? 0.191   5.763   15.109  1.00 28.31 ? 143 HOH B O     1 
HETATM 676 O  O     . HOH D 2 .  ? 0.346   2.345   3.996   1.00 33.66 ? 144 HOH B O     1 
HETATM 677 O  O     . HOH D 2 .  ? -6.896  -2.182  9.657   1.00 21.10 ? 145 HOH B O     1 
HETATM 678 O  O     . HOH D 2 .  ? -0.798  -3.317  -9.655  1.00 40.60 ? 146 HOH B O     1 
HETATM 679 O  O     . HOH D 2 .  ? 3.677   -14.462 -8.205  1.00 19.99 ? 147 HOH B O     1 
HETATM 680 O  O     . HOH D 2 .  ? 7.811   0.445   -10.262 0.50 21.88 ? 148 HOH B O     1 
HETATM 681 O  O     . HOH D 2 .  ? 1.613   -6.107  -4.074  1.00 15.47 ? 149 HOH B O     1 
HETATM 682 O  O     . HOH D 2 .  ? 0.861   4.391   6.048   1.00 24.39 ? 150 HOH B O     1 
HETATM 683 O  O     . HOH D 2 .  ? -5.014  -4.062  9.213   1.00 25.74 ? 151 HOH B O     1 
HETATM 684 O  O     . HOH D 2 .  ? -0.496  -3.855  10.511  1.00 31.89 ? 152 HOH B O     1 
HETATM 685 O  O     . HOH D 2 .  ? -3.365  -1.275  2.895   1.00 39.14 ? 153 HOH B O     1 
HETATM 686 O  O     . HOH D 2 .  ? -3.340  3.790   12.651  1.00 23.29 ? 154 HOH B O     1 
HETATM 687 O  O     . HOH D 2 .  ? -8.969  5.350   -4.798  1.00 27.63 ? 155 HOH B O     1 
HETATM 688 O  O     . HOH D 2 .  ? -6.074  -2.799  -1.135  1.00 36.37 ? 156 HOH B O     1 
HETATM 689 O  O     . HOH D 2 .  ? 13.146  -15.212 -8.748  1.00 39.79 ? 157 HOH B O     1 
HETATM 690 O  O     . HOH D 2 .  ? -5.497  -1.648  -5.799  1.00 22.77 ? 158 HOH B O     1 
HETATM 691 O  O     . HOH D 2 .  ? 0.763   6.618   4.911   1.00 31.25 ? 159 HOH B O     1 
HETATM 692 O  O     . HOH D 2 .  ? 0.687   10.485  6.446   1.00 28.34 ? 160 HOH B O     1 
HETATM 693 O  O     . HOH D 2 .  ? -1.458  -0.661  -0.852  0.50 15.82 ? 161 HOH B O     1 
HETATM 694 O  O     . HOH D 2 .  ? 1.504   -4.912  -16.435 1.00 40.47 ? 162 HOH B O     1 
HETATM 695 O  O     . HOH D 2 .  ? 1.245   -2.168  12.513  1.00 29.91 ? 163 HOH B O     1 
HETATM 696 O  O     . HOH D 2 .  ? 11.377  -21.138 -6.378  1.00 29.92 ? 164 HOH B O     1 
HETATM 697 O  O     . HOH D 2 .  ? 5.151   -0.229  7.459   1.00 34.12 ? 165 HOH B O     1 
HETATM 698 O  O     . HOH D 2 .  ? -10.130 -4.449  -4.404  1.00 41.76 ? 166 HOH B O     1 
HETATM 699 O  O     . HOH D 2 .  ? -2.636  -1.215  -1.385  0.50 20.96 ? 167 HOH B O     1 
HETATM 700 O  O     . HOH D 2 .  ? -3.724  5.932   -11.055 1.00 34.25 ? 168 HOH B O     1 
HETATM 701 O  O     . HOH D 2 .  ? 13.968  -15.289 -5.542  1.00 29.66 ? 169 HOH B O     1 
HETATM 702 O  O     . HOH D 2 .  ? -0.133  -4.242  -2.641  1.00 27.25 ? 170 HOH B O     1 
HETATM 703 O  O     . HOH D 2 .  ? -7.357  6.068   -7.704  1.00 39.97 ? 171 HOH B O     1 
HETATM 704 O  O     . HOH D 2 .  ? 13.368  -16.455 -7.703  1.00 46.47 ? 172 HOH B O     1 
HETATM 705 O  O     . HOH D 2 .  ? 13.445  -10.092 -11.366 1.00 42.77 ? 173 HOH B O     1 
HETATM 706 O  O     . HOH D 2 .  ? -2.717  -2.055  0.831   1.00 50.44 ? 174 HOH B O     1 
HETATM 707 O  O     . HOH D 2 .  ? -8.063  -4.749  -5.892  1.00 44.27 ? 175 HOH B O     1 
HETATM 708 O  O     . HOH D 2 .  ? -0.004  -5.489  -6.450  1.00 32.45 ? 176 HOH B O     1 
HETATM 709 O  O     . HOH D 2 .  ? 4.732   -12.934 -10.147 1.00 33.01 ? 177 HOH B O     1 
HETATM 710 O  O     . HOH D 2 .  ? -11.881 -4.133  -2.272  0.50 27.19 ? 178 HOH B O     1 
HETATM 711 O  O     . HOH D 2 .  ? -5.443  4.098   -12.899 1.00 34.87 ? 179 HOH B O     1 
# 
